data_6GEX
#
_entry.id   6GEX
#
_cell.length_a   74.881
_cell.length_b   90.214
_cell.length_c   83.154
_cell.angle_alpha   90.00
_cell.angle_beta   115.76
_cell.angle_gamma   90.00
#
_symmetry.space_group_name_H-M   'P 1 21 1'
#
loop_
_entity.id
_entity.type
_entity.pdbx_description
1 polymer 'Pteridine reductase'
2 non-polymer 'NADP NICOTINAMIDE-ADENINE-DINUCLEOTIDE PHOSPHATE'
3 non-polymer 4-[(2-azanyl-1,3-benzothiazol-6-yl)sulfanylmethyl]-~{N}-(phenylmethyl)benzamide
4 non-polymer 'ACETATE ION'
5 non-polymer GLYCEROL
6 water water
#
_entity_poly.entity_id   1
_entity_poly.type   'polypeptide(L)'
_entity_poly.pdbx_seq_one_letter_code
;MGSSHHHHHHSSGLVPRGSHMEAPAAVVTGAAKRIGRAIAVKLHQTGYRVVIHYHNSAEAAVSLADELNKERSNTAVVCQ
ADLTNSNVLPASCEEIINSCFRAFGRCDVLVNNASAFYPTPLVQGDHEDNSNGKTVETQVAELIGTNAIAPFLLTMSFAQ
RQKGTNPNCTSSNLSIVNLCDAMVDQPCMAFSLYNMGKHALVGLTQSAALELAPYGIRVNGVAPGVSLLPVAMGEEEKDK
WRRKVPLGRREASAEQIADAVIFLVSGSAQYITGSIIKVDGGLSLVHA
;
_entity_poly.pdbx_strand_id   A,B,C,D
#
loop_
_chem_comp.id
_chem_comp.type
_chem_comp.name
_chem_comp.formula
ACT non-polymer 'ACETATE ION' 'C2 H3 O2 -1'
EWK non-polymer 4-[(2-azanyl-1,3-benzothiazol-6-yl)sulfanylmethyl]-~{N}-(phenylmethyl)benzamide 'C22 H19 N3 O S2'
GOL non-polymer GLYCEROL 'C3 H8 O3'
NAP non-polymer 'NADP NICOTINAMIDE-ADENINE-DINUCLEOTIDE PHOSPHATE' 'C21 H28 N7 O17 P3'
#
# COMPACT_ATOMS: atom_id res chain seq x y z
N GLU A 22 -18.72 -36.66 -3.30
CA GLU A 22 -18.83 -36.12 -4.70
C GLU A 22 -17.72 -35.09 -4.91
N ALA A 23 -17.47 -34.78 -6.18
CA ALA A 23 -16.45 -33.85 -6.54
C ALA A 23 -16.99 -32.44 -6.19
N PRO A 24 -16.10 -31.54 -5.75
CA PRO A 24 -16.58 -30.15 -5.67
C PRO A 24 -16.87 -29.51 -7.05
N ALA A 25 -17.55 -28.35 -7.05
CA ALA A 25 -17.90 -27.69 -8.33
C ALA A 25 -17.42 -26.23 -8.30
N ALA A 26 -17.11 -25.67 -9.48
CA ALA A 26 -16.66 -24.26 -9.53
C ALA A 26 -17.32 -23.57 -10.72
N VAL A 27 -17.55 -22.25 -10.57
CA VAL A 27 -17.93 -21.38 -11.67
C VAL A 27 -16.71 -20.57 -12.03
N VAL A 28 -16.36 -20.51 -13.31
CA VAL A 28 -15.31 -19.59 -13.74
C VAL A 28 -15.95 -18.65 -14.77
N THR A 29 -15.87 -17.30 -14.57
CA THR A 29 -16.55 -16.37 -15.52
C THR A 29 -15.59 -16.13 -16.67
N GLY A 30 -16.11 -15.91 -17.85
CA GLY A 30 -15.24 -15.62 -18.98
C GLY A 30 -14.27 -16.76 -19.27
N ALA A 31 -14.75 -18.02 -19.21
CA ALA A 31 -13.88 -19.24 -19.15
C ALA A 31 -13.69 -19.88 -20.54
N ALA A 32 -14.19 -19.28 -21.61
CA ALA A 32 -14.12 -19.96 -22.93
C ALA A 32 -12.68 -19.99 -23.46
N LYS A 33 -11.90 -18.96 -23.14
CA LYS A 33 -10.61 -18.77 -23.78
C LYS A 33 -9.61 -18.22 -22.75
N ARG A 34 -8.35 -18.20 -23.15
CA ARG A 34 -7.30 -17.42 -22.51
C ARG A 34 -7.19 -17.85 -21.05
N ILE A 35 -7.15 -16.90 -20.11
CA ILE A 35 -6.78 -17.25 -18.71
C ILE A 35 -7.96 -17.96 -18.06
N GLY A 36 -9.17 -17.52 -18.36
CA GLY A 36 -10.35 -18.23 -17.74
C GLY A 36 -10.40 -19.70 -18.15
N ARG A 37 -10.07 -19.99 -19.40
CA ARG A 37 -10.00 -21.41 -19.87
C ARG A 37 -8.92 -22.16 -19.08
N ALA A 38 -7.75 -21.54 -18.93
CA ALA A 38 -6.64 -22.23 -18.24
C ALA A 38 -7.03 -22.50 -16.78
N ILE A 39 -7.76 -21.58 -16.14
CA ILE A 39 -8.25 -21.78 -14.78
C ILE A 39 -9.28 -22.93 -14.77
N ALA A 40 -10.27 -22.91 -15.68
CA ALA A 40 -11.31 -24.04 -15.67
C ALA A 40 -10.59 -25.39 -15.90
N VAL A 41 -9.63 -25.44 -16.81
CA VAL A 41 -8.93 -26.72 -17.13
C VAL A 41 -8.18 -27.21 -15.89
N LYS A 42 -7.47 -26.29 -15.20
CA LYS A 42 -6.67 -26.68 -14.08
C LYS A 42 -7.59 -27.09 -12.91
N LEU A 43 -8.73 -26.42 -12.73
CA LEU A 43 -9.65 -26.88 -11.68
C LEU A 43 -10.19 -28.28 -12.06
N HIS A 44 -10.44 -28.48 -13.33
CA HIS A 44 -10.99 -29.76 -13.78
C HIS A 44 -9.95 -30.87 -13.54
N GLN A 45 -8.69 -30.63 -13.94
CA GLN A 45 -7.58 -31.58 -13.72
C GLN A 45 -7.38 -31.86 -12.21
N THR A 46 -7.72 -30.93 -11.33
CA THR A 46 -7.67 -31.10 -9.87
C THR A 46 -8.89 -31.87 -9.36
N GLY A 47 -9.89 -32.17 -10.20
CA GLY A 47 -11.05 -32.95 -9.72
C GLY A 47 -12.34 -32.17 -9.61
N TYR A 48 -12.35 -30.89 -10.03
CA TYR A 48 -13.59 -30.11 -9.92
C TYR A 48 -14.50 -30.39 -11.12
N ARG A 49 -15.80 -30.28 -10.89
CA ARG A 49 -16.82 -30.03 -11.91
C ARG A 49 -16.90 -28.51 -12.16
N VAL A 50 -17.04 -28.07 -13.43
CA VAL A 50 -16.87 -26.64 -13.74
C VAL A 50 -18.10 -26.13 -14.54
N VAL A 51 -18.55 -24.93 -14.22
CA VAL A 51 -19.43 -24.14 -15.08
C VAL A 51 -18.57 -23.19 -15.89
N ILE A 52 -18.60 -23.33 -17.19
CA ILE A 52 -17.85 -22.49 -18.05
C ILE A 52 -18.73 -21.31 -18.50
N HIS A 53 -18.62 -20.13 -17.85
CA HIS A 53 -19.47 -18.98 -18.23
C HIS A 53 -18.84 -18.36 -19.49
N TYR A 54 -19.68 -17.86 -20.41
CA TYR A 54 -19.20 -17.10 -21.54
C TYR A 54 -20.25 -16.03 -21.93
N HIS A 55 -19.85 -15.13 -22.77
CA HIS A 55 -20.75 -14.03 -23.21
C HIS A 55 -20.97 -14.26 -24.71
N ASN A 56 -19.95 -13.97 -25.52
CA ASN A 56 -19.97 -14.05 -26.99
C ASN A 56 -19.33 -15.36 -27.49
N SER A 57 -18.44 -16.00 -26.73
CA SER A 57 -17.58 -17.10 -27.30
C SER A 57 -18.26 -18.47 -27.14
N ALA A 58 -19.44 -18.64 -27.77
CA ALA A 58 -20.26 -19.85 -27.54
C ALA A 58 -19.54 -21.07 -28.10
N GLU A 59 -18.95 -20.92 -29.29
CA GLU A 59 -18.32 -22.10 -29.94
C GLU A 59 -17.13 -22.56 -29.06
N ALA A 60 -16.32 -21.60 -28.61
CA ALA A 60 -15.14 -21.94 -27.84
C ALA A 60 -15.59 -22.54 -26.50
N ALA A 61 -16.70 -22.06 -25.92
CA ALA A 61 -17.17 -22.55 -24.62
C ALA A 61 -17.63 -24.02 -24.73
N VAL A 62 -18.45 -24.26 -25.73
CA VAL A 62 -19.06 -25.60 -25.92
C VAL A 62 -17.94 -26.60 -26.26
N SER A 63 -16.99 -26.16 -27.08
CA SER A 63 -15.84 -26.97 -27.40
C SER A 63 -15.07 -27.39 -26.14
N LEU A 64 -14.81 -26.45 -25.22
CA LEU A 64 -14.08 -26.76 -23.97
C LEU A 64 -14.90 -27.68 -23.10
N ALA A 65 -16.22 -27.47 -22.96
CA ALA A 65 -16.99 -28.36 -22.13
C ALA A 65 -16.94 -29.78 -22.71
N ASP A 66 -17.03 -29.86 -24.04
CA ASP A 66 -16.97 -31.17 -24.74
C ASP A 66 -15.65 -31.88 -24.41
N GLU A 67 -14.51 -31.19 -24.53
CA GLU A 67 -13.21 -31.75 -24.17
C GLU A 67 -13.19 -32.25 -22.71
N LEU A 68 -13.73 -31.47 -21.76
CA LEU A 68 -13.64 -31.84 -20.36
C LEU A 68 -14.58 -33.03 -20.12
N ASN A 69 -15.71 -33.04 -20.80
CA ASN A 69 -16.71 -34.13 -20.60
C ASN A 69 -16.19 -35.46 -21.16
N LYS A 70 -15.38 -35.40 -22.22
CA LYS A 70 -14.75 -36.62 -22.77
C LYS A 70 -13.76 -37.17 -21.75
N GLU A 71 -13.07 -36.31 -21.01
CA GLU A 71 -12.11 -36.78 -20.01
C GLU A 71 -12.88 -37.39 -18.82
N ARG A 72 -13.96 -36.77 -18.37
CA ARG A 72 -14.81 -37.36 -17.31
C ARG A 72 -16.24 -36.91 -17.61
N SER A 73 -17.20 -37.83 -17.78
CA SER A 73 -18.51 -37.34 -18.24
C SER A 73 -19.32 -36.64 -17.13
N ASN A 74 -20.17 -35.71 -17.59
CA ASN A 74 -21.07 -34.96 -16.70
C ASN A 74 -20.23 -34.11 -15.74
N THR A 75 -19.08 -33.63 -16.22
CA THR A 75 -18.30 -32.78 -15.26
C THR A 75 -18.16 -31.31 -15.74
N ALA A 76 -18.70 -30.91 -16.90
CA ALA A 76 -18.58 -29.51 -17.38
C ALA A 76 -19.93 -29.08 -17.99
N VAL A 77 -20.40 -27.88 -17.66
CA VAL A 77 -21.52 -27.28 -18.40
C VAL A 77 -21.12 -25.86 -18.79
N VAL A 78 -21.80 -25.29 -19.82
CA VAL A 78 -21.64 -23.87 -20.18
C VAL A 78 -22.79 -23.04 -19.58
N CYS A 79 -22.60 -21.71 -19.49
CA CYS A 79 -23.69 -20.81 -19.05
C CYS A 79 -23.48 -19.43 -19.68
N GLN A 80 -24.46 -18.93 -20.46
CA GLN A 80 -24.21 -17.69 -21.20
C GLN A 80 -24.73 -16.54 -20.32
N ALA A 81 -23.99 -15.41 -20.25
CA ALA A 81 -24.52 -14.23 -19.55
C ALA A 81 -23.68 -13.02 -19.98
N ASP A 82 -24.36 -11.89 -20.28
CA ASP A 82 -23.72 -10.60 -20.42
C ASP A 82 -23.51 -10.10 -19.00
N LEU A 83 -22.31 -9.59 -18.69
CA LEU A 83 -22.03 -9.08 -17.30
C LEU A 83 -21.90 -7.56 -17.28
N THR A 84 -22.34 -6.92 -18.37
CA THR A 84 -22.50 -5.47 -18.42
C THR A 84 -23.47 -5.08 -17.31
N ASN A 85 -23.28 -3.96 -16.65
CA ASN A 85 -24.23 -3.56 -15.56
C ASN A 85 -25.58 -3.14 -16.20
N SER A 86 -26.69 -3.53 -15.57
CA SER A 86 -28.02 -3.10 -15.99
C SER A 86 -28.96 -3.49 -14.85
N ASN A 87 -30.25 -3.11 -14.96
CA ASN A 87 -31.21 -3.53 -13.93
C ASN A 87 -31.40 -5.06 -13.93
N VAL A 88 -31.00 -5.75 -14.96
CA VAL A 88 -31.13 -7.25 -14.91
C VAL A 88 -29.82 -8.01 -14.54
N LEU A 89 -28.71 -7.31 -14.39
CA LEU A 89 -27.45 -7.98 -13.97
C LEU A 89 -27.67 -8.80 -12.69
N PRO A 90 -28.39 -8.33 -11.69
CA PRO A 90 -28.53 -9.19 -10.50
C PRO A 90 -29.17 -10.55 -10.81
N ALA A 91 -30.19 -10.53 -11.67
CA ALA A 91 -30.80 -11.81 -12.09
C ALA A 91 -29.82 -12.68 -12.89
N SER A 92 -29.05 -12.12 -13.83
CA SER A 92 -28.11 -12.93 -14.56
C SER A 92 -27.04 -13.55 -13.65
N CYS A 93 -26.56 -12.78 -12.66
CA CYS A 93 -25.56 -13.35 -11.71
C CYS A 93 -26.18 -14.44 -10.85
N GLU A 94 -27.41 -14.22 -10.36
CA GLU A 94 -28.16 -15.25 -9.66
CA GLU A 94 -28.13 -15.27 -9.64
C GLU A 94 -28.22 -16.54 -10.53
N GLU A 95 -28.46 -16.35 -11.82
CA GLU A 95 -28.69 -17.51 -12.69
C GLU A 95 -27.38 -18.27 -12.90
N ILE A 96 -26.25 -17.56 -13.00
CA ILE A 96 -24.91 -18.24 -13.16
C ILE A 96 -24.69 -19.17 -11.95
N ILE A 97 -24.95 -18.68 -10.76
CA ILE A 97 -24.73 -19.48 -9.57
C ILE A 97 -25.74 -20.64 -9.59
N ASN A 98 -27.01 -20.30 -9.87
CA ASN A 98 -28.04 -21.36 -9.97
C ASN A 98 -27.64 -22.47 -10.95
N SER A 99 -26.97 -22.14 -12.05
CA SER A 99 -26.59 -23.14 -13.03
CA SER A 99 -26.56 -23.12 -13.05
C SER A 99 -25.61 -24.18 -12.45
N CYS A 100 -24.78 -23.76 -11.50
CA CYS A 100 -23.83 -24.67 -10.90
C CYS A 100 -24.65 -25.59 -9.97
N PHE A 101 -25.56 -25.02 -9.16
CA PHE A 101 -26.39 -25.86 -8.29
C PHE A 101 -27.29 -26.83 -9.09
N ARG A 102 -27.79 -26.41 -10.26
CA ARG A 102 -28.68 -27.27 -11.05
CA ARG A 102 -28.68 -27.23 -11.12
C ARG A 102 -27.87 -28.41 -11.68
N ALA A 103 -26.64 -28.13 -12.11
CA ALA A 103 -25.84 -29.14 -12.78
C ALA A 103 -25.23 -30.11 -11.75
N PHE A 104 -24.79 -29.61 -10.60
CA PHE A 104 -23.82 -30.39 -9.79
C PHE A 104 -24.27 -30.49 -8.34
N GLY A 105 -25.30 -29.76 -7.92
CA GLY A 105 -25.87 -29.92 -6.58
C GLY A 105 -25.14 -29.10 -5.53
N ARG A 106 -24.14 -28.33 -5.96
CA ARG A 106 -23.29 -27.60 -4.98
C ARG A 106 -22.46 -26.57 -5.76
N CYS A 107 -21.91 -25.59 -5.04
CA CYS A 107 -21.01 -24.64 -5.71
C CYS A 107 -19.95 -24.24 -4.68
N ASP A 108 -18.72 -24.70 -4.91
CA ASP A 108 -17.64 -24.59 -3.87
C ASP A 108 -16.75 -23.40 -4.11
N VAL A 109 -16.56 -23.06 -5.39
CA VAL A 109 -15.57 -22.06 -5.74
C VAL A 109 -16.19 -21.16 -6.83
N LEU A 110 -15.92 -19.86 -6.74
CA LEU A 110 -16.27 -18.88 -7.75
C LEU A 110 -14.97 -18.18 -8.13
N VAL A 111 -14.70 -18.11 -9.44
CA VAL A 111 -13.55 -17.38 -9.96
C VAL A 111 -14.14 -16.25 -10.85
N ASN A 112 -13.91 -14.99 -10.40
CA ASN A 112 -14.36 -13.77 -11.10
C ASN A 112 -13.24 -13.34 -12.05
N ASN A 113 -13.29 -13.88 -13.25
CA ASN A 113 -12.19 -13.73 -14.26
C ASN A 113 -12.66 -12.80 -15.41
N ALA A 114 -13.94 -12.83 -15.79
CA ALA A 114 -14.45 -12.03 -16.98
C ALA A 114 -14.10 -10.54 -16.78
N SER A 115 -13.67 -9.87 -17.85
CA SER A 115 -13.28 -8.50 -17.73
C SER A 115 -13.37 -7.79 -19.09
N ALA A 116 -13.92 -6.57 -19.13
CA ALA A 116 -13.80 -5.69 -20.30
C ALA A 116 -12.55 -4.84 -20.10
N PHE A 117 -11.86 -4.50 -21.19
CA PHE A 117 -10.62 -3.79 -21.06
C PHE A 117 -10.45 -2.92 -22.33
N TYR A 118 -10.52 -1.61 -22.20
CA TYR A 118 -10.27 -0.70 -23.37
C TYR A 118 -10.13 0.73 -22.82
N PRO A 119 -9.50 1.61 -23.60
CA PRO A 119 -9.23 2.98 -23.15
C PRO A 119 -10.50 3.82 -23.04
N THR A 120 -10.53 4.75 -22.09
CA THR A 120 -11.60 5.71 -21.95
C THR A 120 -10.92 7.04 -21.65
N PRO A 121 -10.36 7.69 -22.69
CA PRO A 121 -9.60 8.96 -22.45
C PRO A 121 -10.45 10.04 -21.75
N LEU A 122 -9.84 10.80 -20.82
CA LEU A 122 -10.61 11.88 -20.15
C LEU A 122 -10.77 13.11 -21.06
N VAL A 123 -9.81 13.34 -21.94
CA VAL A 123 -9.97 14.49 -22.90
C VAL A 123 -9.97 13.96 -24.34
N LYS A 134 -18.98 3.97 -28.50
CA LYS A 134 -19.86 3.70 -27.35
C LYS A 134 -20.14 5.01 -26.62
N THR A 135 -21.32 5.16 -26.04
CA THR A 135 -21.58 6.28 -25.19
C THR A 135 -20.81 6.09 -23.87
N VAL A 136 -20.67 7.17 -23.12
CA VAL A 136 -19.89 7.07 -21.91
C VAL A 136 -20.65 6.18 -20.92
N GLU A 137 -21.98 6.26 -20.93
CA GLU A 137 -22.70 5.47 -19.97
C GLU A 137 -22.59 3.99 -20.36
N THR A 138 -22.40 3.66 -21.62
CA THR A 138 -22.15 2.25 -21.97
C THR A 138 -20.76 1.82 -21.49
N GLN A 139 -19.75 2.68 -21.63
CA GLN A 139 -18.39 2.34 -21.16
C GLN A 139 -18.40 2.12 -19.63
N VAL A 140 -19.08 2.99 -18.89
CA VAL A 140 -19.20 2.78 -17.43
C VAL A 140 -19.84 1.41 -17.15
N ALA A 141 -20.96 1.09 -17.84
CA ALA A 141 -21.70 -0.13 -17.59
C ALA A 141 -20.82 -1.35 -17.90
N GLU A 142 -20.04 -1.31 -18.98
CA GLU A 142 -19.19 -2.45 -19.31
C GLU A 142 -17.95 -2.52 -18.40
N LEU A 143 -17.22 -1.41 -18.22
CA LEU A 143 -15.94 -1.53 -17.57
C LEU A 143 -16.17 -1.64 -16.05
N ILE A 144 -17.14 -0.92 -15.49
CA ILE A 144 -17.40 -1.06 -14.03
C ILE A 144 -18.28 -2.29 -13.78
N GLY A 145 -19.22 -2.59 -14.70
CA GLY A 145 -20.09 -3.81 -14.56
C GLY A 145 -19.29 -5.09 -14.61
N THR A 146 -18.48 -5.30 -15.65
CA THR A 146 -17.81 -6.61 -15.71
C THR A 146 -16.74 -6.69 -14.65
N ASN A 147 -16.03 -5.58 -14.35
CA ASN A 147 -14.85 -5.73 -13.51
C ASN A 147 -15.19 -5.62 -12.03
N ALA A 148 -16.34 -5.09 -11.69
CA ALA A 148 -16.58 -4.87 -10.24
C ALA A 148 -18.02 -5.22 -9.84
N ILE A 149 -19.02 -4.74 -10.60
CA ILE A 149 -20.40 -4.92 -10.08
CA ILE A 149 -20.42 -4.92 -10.13
C ILE A 149 -20.83 -6.39 -10.20
N ALA A 150 -20.56 -7.01 -11.32
CA ALA A 150 -20.86 -8.45 -11.49
C ALA A 150 -20.13 -9.30 -10.42
N PRO A 151 -18.81 -9.06 -10.21
CA PRO A 151 -18.13 -9.83 -9.10
C PRO A 151 -18.91 -9.65 -7.78
N PHE A 152 -19.36 -8.42 -7.49
CA PHE A 152 -20.11 -8.13 -6.22
C PHE A 152 -21.40 -8.93 -6.22
N LEU A 153 -22.13 -8.90 -7.34
CA LEU A 153 -23.49 -9.60 -7.32
C LEU A 153 -23.30 -11.12 -7.34
N LEU A 154 -22.30 -11.61 -8.08
CA LEU A 154 -22.01 -13.09 -8.03
C LEU A 154 -21.56 -13.49 -6.63
N THR A 155 -20.82 -12.62 -5.93
CA THR A 155 -20.36 -12.92 -4.55
C THR A 155 -21.61 -13.02 -3.66
N MET A 156 -22.53 -12.06 -3.78
CA MET A 156 -23.81 -12.09 -2.95
C MET A 156 -24.60 -13.38 -3.25
N SER A 157 -24.78 -13.75 -4.51
CA SER A 157 -25.58 -14.96 -4.85
C SER A 157 -24.86 -16.23 -4.38
N PHE A 158 -23.52 -16.28 -4.55
CA PHE A 158 -22.72 -17.46 -4.14
C PHE A 158 -22.91 -17.61 -2.63
N ALA A 159 -22.84 -16.49 -1.90
CA ALA A 159 -22.91 -16.61 -0.43
C ALA A 159 -24.37 -16.91 -0.02
N GLN A 160 -25.35 -16.35 -0.71
CA GLN A 160 -26.77 -16.55 -0.24
C GLN A 160 -27.20 -18.01 -0.48
N ARG A 161 -26.66 -18.65 -1.51
CA ARG A 161 -27.05 -20.04 -1.86
C ARG A 161 -26.42 -21.07 -0.91
N GLN A 162 -25.39 -20.71 -0.16
CA GLN A 162 -24.72 -21.66 0.75
C GLN A 162 -25.62 -21.98 1.96
N SER A 172 -15.39 -29.45 3.64
CA SER A 172 -15.71 -28.34 2.68
C SER A 172 -14.75 -27.12 2.79
N ASN A 173 -14.56 -26.53 1.63
CA ASN A 173 -13.55 -25.49 1.50
C ASN A 173 -14.06 -24.47 0.48
N LEU A 174 -14.88 -23.53 0.95
CA LEU A 174 -15.55 -22.57 0.03
C LEU A 174 -14.63 -21.36 -0.20
N SER A 175 -14.41 -20.96 -1.46
CA SER A 175 -13.69 -19.69 -1.58
C SER A 175 -14.06 -18.99 -2.90
N ILE A 176 -13.65 -17.72 -2.96
CA ILE A 176 -13.85 -16.90 -4.15
C ILE A 176 -12.48 -16.37 -4.55
N VAL A 177 -12.15 -16.40 -5.83
CA VAL A 177 -10.92 -15.77 -6.25
C VAL A 177 -11.28 -14.71 -7.30
N ASN A 178 -10.73 -13.48 -7.10
CA ASN A 178 -11.02 -12.36 -8.03
C ASN A 178 -9.76 -12.12 -8.86
N LEU A 179 -9.88 -11.99 -10.18
CA LEU A 179 -8.68 -11.66 -11.02
C LEU A 179 -8.54 -10.13 -11.06
N CYS A 180 -7.46 -9.65 -10.37
CA CYS A 180 -7.19 -8.27 -10.11
C CYS A 180 -6.13 -7.80 -11.14
N ASP A 181 -5.35 -6.77 -10.84
CA ASP A 181 -4.37 -6.28 -11.82
C ASP A 181 -3.16 -5.74 -10.98
N ALA A 182 -1.95 -6.24 -11.24
CA ALA A 182 -0.77 -5.94 -10.42
C ALA A 182 -0.37 -4.48 -10.66
N MET A 183 -0.77 -3.92 -11.78
CA MET A 183 -0.36 -2.56 -12.09
C MET A 183 -1.44 -1.54 -11.70
N VAL A 184 -2.35 -1.85 -10.78
CA VAL A 184 -3.45 -0.87 -10.49
C VAL A 184 -2.94 0.49 -10.00
N ASP A 185 -1.82 0.52 -9.32
CA ASP A 185 -1.25 1.79 -8.86
C ASP A 185 -0.25 2.42 -9.80
N GLN A 186 0.05 1.80 -10.92
CA GLN A 186 0.86 2.42 -11.96
C GLN A 186 0.10 2.25 -13.30
N PRO A 187 -1.03 2.93 -13.46
CA PRO A 187 -2.00 2.57 -14.48
C PRO A 187 -1.52 2.94 -15.89
N CYS A 188 -2.02 2.20 -16.88
CA CYS A 188 -1.90 2.59 -18.31
C CYS A 188 -2.59 3.93 -18.55
N MET A 189 -1.92 4.78 -19.29
CA MET A 189 -2.43 6.09 -19.60
C MET A 189 -3.79 5.94 -20.31
N ALA A 190 -4.80 6.71 -19.91
CA ALA A 190 -6.14 6.79 -20.58
C ALA A 190 -7.03 5.57 -20.27
N PHE A 191 -6.71 4.82 -19.21
CA PHE A 191 -7.54 3.68 -18.85
C PHE A 191 -8.26 3.95 -17.52
N SER A 192 -8.80 5.16 -17.28
CA SER A 192 -9.30 5.49 -15.90
CA SER A 192 -9.40 5.57 -15.96
C SER A 192 -10.49 4.60 -15.52
N LEU A 193 -11.44 4.32 -16.40
CA LEU A 193 -12.62 3.48 -15.97
C LEU A 193 -12.20 2.04 -15.73
N TYR A 194 -11.33 1.48 -16.59
CA TYR A 194 -10.84 0.16 -16.30
C TYR A 194 -10.12 0.15 -14.92
N ASN A 195 -9.29 1.16 -14.65
CA ASN A 195 -8.48 1.15 -13.42
CA ASN A 195 -8.50 1.09 -13.42
C ASN A 195 -9.41 1.31 -12.22
N MET A 196 -10.44 2.15 -12.43
CA MET A 196 -11.46 2.34 -11.35
C MET A 196 -12.13 1.01 -11.02
N GLY A 197 -12.50 0.25 -12.06
CA GLY A 197 -13.16 -1.09 -11.81
C GLY A 197 -12.21 -2.05 -11.08
N LYS A 198 -10.93 -2.11 -11.47
CA LYS A 198 -10.00 -3.06 -10.83
C LYS A 198 -9.69 -2.58 -9.39
N HIS A 199 -9.65 -1.29 -9.15
CA HIS A 199 -9.52 -0.86 -7.73
C HIS A 199 -10.75 -1.24 -6.92
N ALA A 200 -11.92 -1.05 -7.53
CA ALA A 200 -13.19 -1.47 -6.81
C ALA A 200 -13.16 -2.95 -6.50
N LEU A 201 -12.52 -3.71 -7.41
CA LEU A 201 -12.48 -5.18 -7.20
C LEU A 201 -11.54 -5.49 -6.01
N VAL A 202 -10.48 -4.67 -5.83
CA VAL A 202 -9.61 -4.87 -4.62
C VAL A 202 -10.47 -4.59 -3.37
N GLY A 203 -11.21 -3.46 -3.43
CA GLY A 203 -12.21 -3.18 -2.35
C GLY A 203 -13.17 -4.31 -2.04
N LEU A 204 -13.81 -4.86 -3.08
CA LEU A 204 -14.69 -6.02 -2.86
C LEU A 204 -13.92 -7.17 -2.22
N THR A 205 -12.73 -7.50 -2.73
CA THR A 205 -11.94 -8.65 -2.16
C THR A 205 -11.77 -8.48 -0.63
N GLN A 206 -11.39 -7.26 -0.18
CA GLN A 206 -11.16 -7.00 1.24
C GLN A 206 -12.49 -7.04 2.01
N SER A 207 -13.46 -6.28 1.53
CA SER A 207 -14.79 -6.14 2.20
C SER A 207 -15.48 -7.50 2.29
N ALA A 208 -15.46 -8.25 1.18
CA ALA A 208 -16.16 -9.60 1.22
C ALA A 208 -15.34 -10.61 2.04
N ALA A 209 -13.97 -10.53 2.04
CA ALA A 209 -13.22 -11.45 2.93
C ALA A 209 -13.64 -11.19 4.37
N LEU A 210 -13.71 -9.93 4.75
CA LEU A 210 -14.11 -9.54 6.10
C LEU A 210 -15.49 -10.09 6.45
N GLU A 211 -16.47 -9.84 5.58
CA GLU A 211 -17.87 -10.11 5.91
C GLU A 211 -18.21 -11.60 5.75
N LEU A 212 -17.54 -12.36 4.88
CA LEU A 212 -17.88 -13.77 4.68
C LEU A 212 -17.01 -14.72 5.50
N ALA A 213 -15.99 -14.21 6.17
CA ALA A 213 -15.13 -15.08 6.99
C ALA A 213 -15.98 -15.86 8.04
N PRO A 214 -16.92 -15.18 8.73
CA PRO A 214 -17.80 -15.88 9.71
C PRO A 214 -18.56 -17.07 9.10
N TYR A 215 -18.80 -17.08 7.78
CA TYR A 215 -19.44 -18.18 7.09
C TYR A 215 -18.44 -19.16 6.50
N GLY A 216 -17.14 -18.95 6.68
CA GLY A 216 -16.22 -19.97 6.23
C GLY A 216 -15.91 -19.79 4.76
N ILE A 217 -16.25 -18.64 4.18
CA ILE A 217 -15.94 -18.45 2.76
C ILE A 217 -14.71 -17.53 2.70
N ARG A 218 -13.65 -17.98 2.05
CA ARG A 218 -12.44 -17.12 1.96
C ARG A 218 -12.55 -16.36 0.63
N VAL A 219 -11.95 -15.17 0.57
CA VAL A 219 -12.06 -14.35 -0.65
C VAL A 219 -10.65 -13.80 -0.88
N ASN A 220 -10.07 -14.04 -2.05
CA ASN A 220 -8.63 -13.68 -2.27
C ASN A 220 -8.55 -13.23 -3.72
N GLY A 221 -7.40 -12.63 -4.11
CA GLY A 221 -7.29 -12.27 -5.49
C GLY A 221 -5.98 -12.77 -6.06
N VAL A 222 -5.90 -12.77 -7.41
CA VAL A 222 -4.65 -13.07 -8.11
C VAL A 222 -4.45 -11.89 -9.06
N ALA A 223 -3.24 -11.25 -9.00
CA ALA A 223 -3.04 -10.05 -9.75
C ALA A 223 -1.94 -10.25 -10.81
N PRO A 224 -2.33 -10.54 -12.09
CA PRO A 224 -1.28 -10.70 -13.15
C PRO A 224 -0.68 -9.35 -13.44
N GLY A 225 0.54 -9.37 -13.96
CA GLY A 225 1.11 -8.14 -14.53
C GLY A 225 0.81 -8.17 -16.03
N VAL A 226 1.76 -8.62 -16.80
CA VAL A 226 1.46 -8.93 -18.20
CA VAL A 226 1.50 -8.92 -18.21
C VAL A 226 1.44 -10.44 -18.37
N SER A 227 0.32 -10.91 -18.86
CA SER A 227 0.15 -12.29 -19.12
C SER A 227 -0.15 -12.35 -20.59
N LEU A 228 -1.14 -13.12 -20.98
CA LEU A 228 -1.44 -13.23 -22.44
C LEU A 228 -1.76 -11.83 -22.97
N LEU A 229 -1.01 -11.41 -23.98
CA LEU A 229 -1.22 -10.10 -24.46
C LEU A 229 -2.52 -10.12 -25.30
N PRO A 230 -3.17 -8.95 -25.47
CA PRO A 230 -4.40 -8.82 -26.29
C PRO A 230 -4.15 -9.35 -27.72
N VAL A 231 -5.17 -10.04 -28.25
CA VAL A 231 -5.12 -10.73 -29.55
C VAL A 231 -4.74 -9.71 -30.63
N ALA A 232 -5.32 -8.50 -30.51
CA ALA A 232 -5.20 -7.41 -31.49
C ALA A 232 -3.78 -6.81 -31.49
N MET A 233 -2.99 -7.04 -30.44
CA MET A 233 -1.75 -6.28 -30.29
C MET A 233 -0.71 -6.84 -31.28
N GLY A 234 0.07 -5.97 -31.93
CA GLY A 234 1.12 -6.45 -32.87
C GLY A 234 2.31 -6.99 -32.10
N GLU A 235 3.16 -7.83 -32.73
CA GLU A 235 4.34 -8.44 -32.08
C GLU A 235 5.33 -7.37 -31.54
N GLU A 236 5.52 -6.31 -32.31
CA GLU A 236 6.41 -5.23 -31.90
C GLU A 236 5.95 -4.66 -30.54
N GLU A 237 4.64 -4.54 -30.38
CA GLU A 237 4.12 -3.90 -29.14
C GLU A 237 4.22 -4.92 -28.00
N LYS A 238 3.84 -6.17 -28.28
CA LYS A 238 4.04 -7.28 -27.31
C LYS A 238 5.49 -7.32 -26.84
N ASP A 239 6.48 -7.20 -27.75
CA ASP A 239 7.87 -7.25 -27.29
C ASP A 239 8.29 -6.09 -26.39
N LYS A 240 7.70 -4.90 -26.62
CA LYS A 240 7.99 -3.75 -25.75
C LYS A 240 7.54 -4.10 -24.32
N TRP A 241 6.41 -4.79 -24.17
CA TRP A 241 5.92 -5.13 -22.82
C TRP A 241 6.79 -6.24 -22.20
N ARG A 242 7.07 -7.30 -22.97
CA ARG A 242 7.94 -8.39 -22.56
C ARG A 242 9.26 -7.90 -21.96
N ARG A 243 9.92 -6.96 -22.64
CA ARG A 243 11.22 -6.47 -22.26
C ARG A 243 11.18 -5.72 -20.91
N LYS A 244 10.00 -5.36 -20.43
CA LYS A 244 9.91 -4.60 -19.14
C LYS A 244 9.97 -5.61 -17.96
N VAL A 245 9.72 -6.88 -18.20
CA VAL A 245 9.52 -7.83 -17.05
C VAL A 245 10.89 -8.34 -16.54
N PRO A 246 11.29 -8.00 -15.31
CA PRO A 246 12.58 -8.48 -14.76
C PRO A 246 12.77 -10.00 -14.82
N LEU A 247 11.75 -10.79 -14.42
CA LEU A 247 11.92 -12.26 -14.33
C LEU A 247 11.68 -12.90 -15.72
N GLY A 248 12.75 -12.99 -16.53
CA GLY A 248 12.59 -13.77 -17.78
C GLY A 248 12.24 -12.90 -18.98
N ARG A 249 12.01 -11.58 -18.78
CA ARG A 249 11.61 -10.69 -19.95
C ARG A 249 10.54 -11.36 -20.83
N ARG A 250 9.53 -11.96 -20.21
CA ARG A 250 8.45 -12.53 -20.96
C ARG A 250 7.18 -12.40 -20.12
N GLU A 251 6.03 -12.54 -20.77
CA GLU A 251 4.74 -12.49 -20.10
C GLU A 251 4.51 -13.80 -19.34
N ALA A 252 3.63 -13.78 -18.31
CA ALA A 252 3.13 -15.00 -17.69
C ALA A 252 2.33 -15.87 -18.69
N SER A 253 2.50 -17.20 -18.59
CA SER A 253 1.59 -18.15 -19.27
C SER A 253 0.25 -18.14 -18.52
N ALA A 254 -0.80 -18.50 -19.25
CA ALA A 254 -2.14 -18.63 -18.62
C ALA A 254 -2.03 -19.65 -17.49
N GLU A 255 -1.28 -20.72 -17.72
CA GLU A 255 -1.13 -21.75 -16.69
C GLU A 255 -0.46 -21.20 -15.41
N GLN A 256 0.52 -20.32 -15.55
CA GLN A 256 1.17 -19.69 -14.34
C GLN A 256 0.11 -18.89 -13.55
N ILE A 257 -0.78 -18.22 -14.26
CA ILE A 257 -1.86 -17.46 -13.51
C ILE A 257 -2.74 -18.49 -12.80
N ALA A 258 -3.13 -19.53 -13.57
CA ALA A 258 -4.06 -20.56 -13.03
C ALA A 258 -3.42 -21.25 -11.80
N ASP A 259 -2.08 -21.42 -11.80
CA ASP A 259 -1.43 -22.10 -10.63
C ASP A 259 -1.67 -21.35 -9.33
N ALA A 260 -1.65 -19.99 -9.37
CA ALA A 260 -1.90 -19.26 -8.15
C ALA A 260 -3.38 -19.38 -7.74
N VAL A 261 -4.29 -19.37 -8.73
CA VAL A 261 -5.72 -19.60 -8.39
C VAL A 261 -5.87 -20.95 -7.68
N ILE A 262 -5.24 -21.99 -8.26
CA ILE A 262 -5.35 -23.38 -7.70
C ILE A 262 -4.82 -23.38 -6.26
N PHE A 263 -3.68 -22.70 -6.01
CA PHE A 263 -3.20 -22.62 -4.61
C PHE A 263 -4.26 -21.99 -3.69
N LEU A 264 -4.83 -20.85 -4.09
CA LEU A 264 -5.75 -20.12 -3.16
C LEU A 264 -7.02 -20.94 -2.89
N VAL A 265 -7.42 -21.80 -3.81
CA VAL A 265 -8.67 -22.58 -3.52
C VAL A 265 -8.32 -23.85 -2.73
N SER A 266 -7.03 -24.25 -2.74
CA SER A 266 -6.58 -25.53 -2.13
C SER A 266 -6.63 -25.50 -0.60
N GLY A 267 -6.51 -26.71 -0.01
CA GLY A 267 -6.32 -26.84 1.47
C GLY A 267 -5.01 -26.21 1.95
N SER A 268 -4.08 -25.90 1.04
CA SER A 268 -2.81 -25.25 1.45
C SER A 268 -3.02 -23.75 1.73
N ALA A 269 -4.25 -23.16 1.51
CA ALA A 269 -4.49 -21.70 1.73
C ALA A 269 -5.68 -21.51 2.68
N GLN A 270 -5.88 -22.48 3.55
CA GLN A 270 -7.07 -22.53 4.39
CA GLN A 270 -7.06 -22.54 4.40
C GLN A 270 -7.10 -21.39 5.41
N TYR A 271 -5.97 -20.75 5.71
CA TYR A 271 -6.02 -19.58 6.62
C TYR A 271 -5.89 -18.26 5.84
N ILE A 272 -5.86 -18.29 4.52
CA ILE A 272 -5.60 -17.11 3.72
C ILE A 272 -6.95 -16.53 3.27
N THR A 273 -7.20 -15.29 3.65
CA THR A 273 -8.41 -14.56 3.19
C THR A 273 -8.06 -13.06 3.13
N GLY A 274 -8.58 -12.35 2.11
CA GLY A 274 -8.32 -10.95 1.92
C GLY A 274 -6.95 -10.69 1.31
N SER A 275 -6.28 -11.69 0.80
CA SER A 275 -4.89 -11.55 0.25
C SER A 275 -4.97 -11.42 -1.26
N ILE A 276 -4.11 -10.57 -1.84
CA ILE A 276 -4.04 -10.59 -3.27
C ILE A 276 -2.61 -10.99 -3.64
N ILE A 277 -2.45 -12.03 -4.40
CA ILE A 277 -1.12 -12.47 -4.78
C ILE A 277 -0.80 -11.90 -6.18
N LYS A 278 0.31 -11.16 -6.28
CA LYS A 278 0.75 -10.67 -7.58
C LYS A 278 1.51 -11.83 -8.24
N VAL A 279 1.24 -12.05 -9.52
CA VAL A 279 1.95 -13.01 -10.38
C VAL A 279 2.41 -12.19 -11.59
N ASP A 280 3.50 -11.42 -11.39
CA ASP A 280 3.87 -10.39 -12.36
C ASP A 280 5.36 -10.36 -12.74
N GLY A 281 6.14 -11.36 -12.28
CA GLY A 281 7.55 -11.44 -12.71
C GLY A 281 8.31 -10.21 -12.30
N GLY A 282 7.82 -9.52 -11.24
CA GLY A 282 8.51 -8.30 -10.76
C GLY A 282 8.12 -7.01 -11.46
N LEU A 283 7.15 -7.04 -12.40
CA LEU A 283 6.88 -5.84 -13.27
C LEU A 283 6.47 -4.61 -12.41
N SER A 284 5.64 -4.80 -11.40
CA SER A 284 5.14 -3.70 -10.61
C SER A 284 6.27 -3.05 -9.79
N LEU A 285 7.48 -3.64 -9.70
CA LEU A 285 8.59 -3.03 -8.89
C LEU A 285 9.47 -2.12 -9.77
N VAL A 286 9.25 -2.14 -11.08
CA VAL A 286 10.14 -1.44 -12.01
C VAL A 286 9.80 0.06 -12.05
N HIS A 287 10.76 0.93 -11.77
CA HIS A 287 10.37 2.41 -11.87
C HIS A 287 10.36 2.86 -13.34
N ALA A 288 9.72 4.02 -13.60
CA ALA A 288 9.66 4.69 -14.91
C ALA A 288 11.04 4.76 -15.57
N MET B 21 21.37 -35.85 -3.95
CA MET B 21 22.43 -35.39 -4.91
C MET B 21 21.76 -34.56 -6.01
N GLU B 22 20.77 -35.19 -6.63
CA GLU B 22 19.74 -34.49 -7.40
C GLU B 22 18.69 -33.89 -6.43
N ALA B 23 18.77 -34.11 -5.11
CA ALA B 23 17.76 -33.49 -4.21
C ALA B 23 18.18 -32.02 -3.92
N PRO B 24 17.23 -31.07 -4.02
CA PRO B 24 17.66 -29.69 -3.72
C PRO B 24 17.91 -29.52 -2.20
N ALA B 25 18.51 -28.37 -1.83
CA ALA B 25 18.86 -28.09 -0.40
C ALA B 25 18.34 -26.68 -0.01
N ALA B 26 18.01 -26.51 1.28
CA ALA B 26 17.44 -25.24 1.75
C ALA B 26 18.09 -24.90 3.09
N VAL B 27 18.31 -23.61 3.30
CA VAL B 27 18.69 -23.10 4.61
C VAL B 27 17.42 -22.50 5.24
N VAL B 28 17.12 -22.86 6.48
CA VAL B 28 16.01 -22.19 7.23
C VAL B 28 16.62 -21.54 8.49
N THR B 29 16.51 -20.20 8.64
CA THR B 29 17.15 -19.62 9.89
C THR B 29 16.11 -19.73 11.02
N GLY B 30 16.59 -19.85 12.24
CA GLY B 30 15.70 -19.98 13.43
C GLY B 30 14.81 -21.22 13.29
N ALA B 31 15.34 -22.36 12.83
CA ALA B 31 14.48 -23.48 12.45
C ALA B 31 14.29 -24.49 13.60
N ALA B 32 14.83 -24.25 14.76
CA ALA B 32 14.77 -25.30 15.86
C ALA B 32 13.33 -25.44 16.37
N LYS B 33 12.54 -24.36 16.30
CA LYS B 33 11.21 -24.43 16.99
C LYS B 33 10.15 -23.69 16.17
N ARG B 34 8.86 -23.87 16.54
CA ARG B 34 7.77 -23.03 16.10
C ARG B 34 7.70 -22.97 14.56
N ILE B 35 7.63 -21.76 14.02
CA ILE B 35 7.36 -21.64 12.58
C ILE B 35 8.52 -22.20 11.79
N GLY B 36 9.71 -21.79 12.15
CA GLY B 36 10.91 -22.26 11.35
C GLY B 36 11.05 -23.78 11.36
N ARG B 37 10.71 -24.43 12.49
CA ARG B 37 10.70 -25.88 12.53
C ARG B 37 9.69 -26.46 11.55
N ALA B 38 8.47 -25.90 11.49
CA ALA B 38 7.41 -26.44 10.62
C ALA B 38 7.83 -26.20 9.17
N ILE B 39 8.52 -25.11 8.89
CA ILE B 39 9.00 -24.88 7.52
C ILE B 39 10.10 -25.90 7.16
N ALA B 40 11.08 -26.12 8.04
CA ALA B 40 12.11 -27.14 7.80
C ALA B 40 11.46 -28.52 7.54
N VAL B 41 10.49 -28.93 8.36
CA VAL B 41 9.83 -30.25 8.22
C VAL B 41 9.11 -30.34 6.87
N LYS B 42 8.37 -29.27 6.47
CA LYS B 42 7.61 -29.37 5.24
C LYS B 42 8.55 -29.35 4.06
N LEU B 43 9.60 -28.55 4.13
CA LEU B 43 10.59 -28.62 3.01
C LEU B 43 11.19 -30.04 2.90
N HIS B 44 11.56 -30.62 4.05
CA HIS B 44 12.15 -32.00 4.04
C HIS B 44 11.14 -33.00 3.45
N GLN B 45 9.87 -32.93 3.89
CA GLN B 45 8.74 -33.79 3.32
C GLN B 45 8.59 -33.63 1.82
N THR B 46 8.92 -32.46 1.27
CA THR B 46 8.82 -32.16 -0.16
C THR B 46 10.05 -32.71 -0.90
N GLY B 47 11.08 -33.13 -0.17
CA GLY B 47 12.28 -33.76 -0.79
C GLY B 47 13.54 -32.90 -0.70
N TYR B 48 13.51 -31.78 0.07
CA TYR B 48 14.69 -30.96 0.29
C TYR B 48 15.60 -31.55 1.39
N ARG B 49 16.91 -31.42 1.22
CA ARG B 49 17.83 -31.53 2.35
C ARG B 49 17.88 -30.16 3.03
N VAL B 50 18.10 -30.12 4.33
CA VAL B 50 17.90 -28.88 5.07
C VAL B 50 19.09 -28.54 5.98
N VAL B 51 19.46 -27.24 6.04
CA VAL B 51 20.33 -26.75 7.12
C VAL B 51 19.40 -26.09 8.14
N ILE B 52 19.44 -26.60 9.37
CA ILE B 52 18.61 -26.09 10.48
C ILE B 52 19.49 -25.10 11.21
N HIS B 53 19.33 -23.78 10.95
CA HIS B 53 20.14 -22.77 11.68
C HIS B 53 19.50 -22.57 13.07
N TYR B 54 20.32 -22.38 14.10
CA TYR B 54 19.76 -22.02 15.45
C TYR B 54 20.73 -21.02 16.13
N HIS B 55 20.27 -20.41 17.21
CA HIS B 55 21.13 -19.52 17.97
C HIS B 55 21.34 -20.15 19.36
N ASN B 56 20.30 -20.20 20.17
CA ASN B 56 20.40 -20.74 21.52
C ASN B 56 19.70 -22.10 21.60
N SER B 57 18.89 -22.55 20.62
CA SER B 57 18.12 -23.75 20.93
C SER B 57 18.81 -25.03 20.37
N ALA B 58 19.99 -25.40 20.94
CA ALA B 58 20.84 -26.46 20.33
C ALA B 58 20.12 -27.80 20.44
N GLU B 59 19.56 -28.09 21.60
CA GLU B 59 18.95 -29.36 21.84
C GLU B 59 17.76 -29.57 20.89
N ALA B 60 16.90 -28.53 20.77
CA ALA B 60 15.77 -28.64 19.80
C ALA B 60 16.27 -28.80 18.36
N ALA B 61 17.31 -28.09 17.95
CA ALA B 61 17.77 -28.17 16.54
C ALA B 61 18.32 -29.57 16.22
N VAL B 62 19.08 -30.11 17.18
CA VAL B 62 19.72 -31.44 16.97
C VAL B 62 18.62 -32.50 16.98
N SER B 63 17.64 -32.34 17.88
CA SER B 63 16.49 -33.24 17.93
C SER B 63 15.75 -33.27 16.58
N LEU B 64 15.57 -32.09 15.96
CA LEU B 64 14.88 -32.03 14.67
C LEU B 64 15.76 -32.74 13.63
N ALA B 65 17.06 -32.41 13.62
CA ALA B 65 17.95 -32.99 12.55
C ALA B 65 17.97 -34.53 12.66
N ASP B 66 18.02 -35.03 13.89
CA ASP B 66 18.01 -36.49 14.09
C ASP B 66 16.71 -37.13 13.56
N GLU B 67 15.53 -36.58 13.89
CA GLU B 67 14.23 -37.08 13.36
C GLU B 67 14.27 -37.08 11.83
N LEU B 68 14.72 -36.00 11.21
CA LEU B 68 14.76 -35.89 9.72
C LEU B 68 15.74 -36.89 9.12
N ASN B 69 16.90 -37.05 9.76
CA ASN B 69 17.90 -38.04 9.23
C ASN B 69 17.43 -39.49 9.42
N LYS B 70 16.61 -39.72 10.41
CA LYS B 70 16.05 -41.05 10.60
C LYS B 70 15.06 -41.31 9.47
N GLU B 71 14.36 -40.28 9.04
CA GLU B 71 13.44 -40.43 7.91
C GLU B 71 14.24 -40.67 6.62
N ARG B 72 15.31 -39.94 6.38
CA ARG B 72 16.14 -40.13 5.20
C ARG B 72 17.58 -39.77 5.58
N SER B 73 18.49 -40.74 5.43
CA SER B 73 19.85 -40.52 5.92
C SER B 73 20.49 -39.34 5.23
N ASN B 74 21.29 -38.60 6.01
CA ASN B 74 22.16 -37.54 5.49
C ASN B 74 21.37 -36.46 4.74
N THR B 75 20.25 -36.05 5.32
CA THR B 75 19.45 -35.01 4.65
C THR B 75 19.30 -33.76 5.55
N ALA B 76 19.88 -33.74 6.75
CA ALA B 76 19.73 -32.55 7.64
C ALA B 76 21.00 -32.35 8.44
N VAL B 77 21.45 -31.07 8.55
CA VAL B 77 22.55 -30.70 9.44
C VAL B 77 22.11 -29.45 10.23
N VAL B 78 22.77 -29.19 11.35
CA VAL B 78 22.51 -27.96 12.09
C VAL B 78 23.65 -26.98 11.85
N CYS B 79 23.36 -25.69 12.13
CA CYS B 79 24.36 -24.66 12.00
C CYS B 79 24.06 -23.60 13.07
N GLN B 80 25.00 -23.34 13.99
CA GLN B 80 24.76 -22.33 15.05
C GLN B 80 25.30 -20.97 14.62
N ALA B 81 24.55 -19.88 14.91
CA ALA B 81 25.06 -18.48 14.60
C ALA B 81 24.16 -17.49 15.32
N ASP B 82 24.76 -16.42 15.84
CA ASP B 82 24.02 -15.31 16.42
C ASP B 82 23.81 -14.37 15.22
N LEU B 83 22.60 -13.86 15.01
CA LEU B 83 22.32 -13.00 13.83
C LEU B 83 22.14 -11.55 14.30
N THR B 84 22.55 -11.28 15.53
CA THR B 84 22.58 -9.86 15.99
C THR B 84 23.56 -9.06 15.12
N ASN B 85 23.26 -7.81 14.80
CA ASN B 85 24.21 -6.97 14.01
C ASN B 85 25.54 -6.75 14.79
N SER B 86 26.65 -6.87 14.09
CA SER B 86 27.99 -6.64 14.62
C SER B 86 28.97 -6.68 13.45
N ASN B 87 30.23 -6.35 13.72
CA ASN B 87 31.30 -6.42 12.70
C ASN B 87 31.52 -7.86 12.21
N VAL B 88 31.10 -8.88 12.94
CA VAL B 88 31.32 -10.28 12.50
C VAL B 88 30.05 -10.84 11.81
N LEU B 89 28.93 -10.10 11.82
CA LEU B 89 27.67 -10.71 11.23
C LEU B 89 27.88 -11.11 9.75
N PRO B 90 28.51 -10.26 8.93
CA PRO B 90 28.78 -10.68 7.52
C PRO B 90 29.47 -12.06 7.42
N ALA B 91 30.49 -12.28 8.23
CA ALA B 91 31.23 -13.54 8.18
C ALA B 91 30.31 -14.70 8.62
N SER B 92 29.53 -14.50 9.68
CA SER B 92 28.57 -15.52 10.14
C SER B 92 27.60 -15.89 9.02
N CYS B 93 27.07 -14.86 8.34
CA CYS B 93 26.00 -15.17 7.33
C CYS B 93 26.64 -15.92 6.14
N GLU B 94 27.86 -15.53 5.80
CA GLU B 94 28.60 -16.27 4.76
C GLU B 94 28.76 -17.75 5.14
N GLU B 95 29.04 -18.02 6.41
CA GLU B 95 29.28 -19.38 6.92
C GLU B 95 27.97 -20.17 6.95
N ILE B 96 26.83 -19.51 7.21
CA ILE B 96 25.59 -20.28 7.16
C ILE B 96 25.36 -20.76 5.73
N ILE B 97 25.53 -19.87 4.75
CA ILE B 97 25.29 -20.28 3.37
C ILE B 97 26.33 -21.38 3.00
N ASN B 98 27.61 -21.13 3.34
CA ASN B 98 28.71 -22.11 3.08
C ASN B 98 28.34 -23.47 3.67
N SER B 99 27.72 -23.53 4.88
CA SER B 99 27.45 -24.83 5.50
CA SER B 99 27.44 -24.84 5.50
C SER B 99 26.52 -25.65 4.60
N CYS B 100 25.61 -24.96 3.84
CA CYS B 100 24.67 -25.69 2.99
C CYS B 100 25.45 -26.30 1.79
N PHE B 101 26.33 -25.51 1.19
CA PHE B 101 27.20 -26.04 0.08
C PHE B 101 28.14 -27.16 0.60
N ARG B 102 28.70 -27.03 1.79
CA ARG B 102 29.62 -28.09 2.26
C ARG B 102 28.82 -29.37 2.54
N ALA B 103 27.61 -29.27 3.09
CA ALA B 103 26.84 -30.46 3.45
C ALA B 103 26.21 -31.08 2.22
N PHE B 104 25.80 -30.29 1.22
CA PHE B 104 24.87 -30.83 0.24
C PHE B 104 25.32 -30.48 -1.17
N GLY B 105 26.35 -29.66 -1.36
CA GLY B 105 26.92 -29.33 -2.73
C GLY B 105 26.09 -28.30 -3.48
N ARG B 106 25.06 -27.73 -2.83
CA ARG B 106 24.17 -26.79 -3.55
C ARG B 106 23.32 -26.07 -2.49
N CYS B 107 22.70 -24.96 -2.90
CA CYS B 107 21.78 -24.21 -1.96
C CYS B 107 20.70 -23.58 -2.87
N ASP B 108 19.53 -24.18 -2.84
CA ASP B 108 18.44 -23.80 -3.77
C ASP B 108 17.49 -22.78 -3.15
N VAL B 109 17.38 -22.86 -1.81
CA VAL B 109 16.29 -22.07 -1.13
C VAL B 109 16.89 -21.47 0.15
N LEU B 110 16.63 -20.17 0.38
CA LEU B 110 16.94 -19.54 1.68
C LEU B 110 15.61 -19.09 2.28
N VAL B 111 15.32 -19.45 3.54
CA VAL B 111 14.17 -18.96 4.23
C VAL B 111 14.66 -18.13 5.42
N ASN B 112 14.38 -16.81 5.37
CA ASN B 112 14.78 -15.88 6.45
C ASN B 112 13.63 -15.83 7.43
N ASN B 113 13.74 -16.64 8.49
CA ASN B 113 12.64 -16.83 9.43
C ASN B 113 13.04 -16.31 10.82
N ALA B 114 14.32 -16.37 11.20
CA ALA B 114 14.72 -16.00 12.58
C ALA B 114 14.33 -14.53 12.88
N SER B 115 13.91 -14.26 14.14
CA SER B 115 13.39 -12.96 14.40
C SER B 115 13.50 -12.71 15.92
N ALA B 116 13.97 -11.53 16.35
CA ALA B 116 13.84 -11.06 17.75
C ALA B 116 12.58 -10.19 17.78
N PHE B 117 11.86 -10.16 18.90
CA PHE B 117 10.60 -9.48 18.95
C PHE B 117 10.39 -9.13 20.43
N TYR B 118 10.46 -7.83 20.74
CA TYR B 118 10.14 -7.33 22.10
C TYR B 118 9.99 -5.81 21.99
N PRO B 119 9.32 -5.20 22.97
CA PRO B 119 8.98 -3.80 22.90
C PRO B 119 10.22 -2.92 23.14
N THR B 120 10.27 -1.74 22.47
CA THR B 120 11.33 -0.75 22.64
C THR B 120 10.69 0.65 22.72
N PRO B 121 10.08 0.97 23.86
CA PRO B 121 9.36 2.20 24.02
C PRO B 121 10.23 3.43 23.74
N LEU B 122 9.64 4.42 23.10
CA LEU B 122 10.35 5.66 22.76
C LEU B 122 10.52 6.52 24.01
N VAL B 123 9.56 6.44 24.95
CA VAL B 123 9.66 7.34 26.17
C VAL B 123 9.73 6.51 27.46
N LYS B 134 18.99 -3.90 28.77
CA LYS B 134 19.66 -3.85 27.46
C LYS B 134 19.82 -2.39 27.03
N THR B 135 21.00 -2.02 26.56
CA THR B 135 21.13 -0.69 26.07
C THR B 135 20.35 -0.54 24.74
N VAL B 136 20.07 0.70 24.37
CA VAL B 136 19.36 0.97 23.10
C VAL B 136 20.21 0.45 21.94
N GLU B 137 21.55 0.54 22.02
CA GLU B 137 22.32 0.08 20.85
CA GLU B 137 22.39 0.07 20.91
C GLU B 137 22.28 -1.45 20.73
N THR B 138 22.16 -2.19 21.85
CA THR B 138 21.96 -3.63 21.78
C THR B 138 20.56 -3.90 21.18
N GLN B 139 19.57 -3.11 21.55
CA GLN B 139 18.21 -3.35 21.04
C GLN B 139 18.19 -3.15 19.52
N VAL B 140 18.90 -2.12 19.08
CA VAL B 140 19.07 -1.86 17.67
C VAL B 140 19.73 -3.07 17.00
N ALA B 141 20.85 -3.54 17.59
CA ALA B 141 21.65 -4.60 16.94
C ALA B 141 20.78 -5.87 16.83
N GLU B 142 19.98 -6.14 17.86
CA GLU B 142 19.25 -7.40 17.87
C GLU B 142 18.03 -7.32 16.95
N LEU B 143 17.23 -6.26 17.07
CA LEU B 143 15.94 -6.19 16.37
C LEU B 143 16.18 -5.82 14.90
N ILE B 144 17.08 -4.88 14.62
CA ILE B 144 17.36 -4.58 13.19
C ILE B 144 18.30 -5.65 12.61
N GLY B 145 19.24 -6.18 13.38
CA GLY B 145 20.14 -7.23 12.75
C GLY B 145 19.37 -8.51 12.42
N THR B 146 18.59 -9.08 13.36
CA THR B 146 17.95 -10.35 13.04
C THR B 146 16.88 -10.14 11.96
N ASN B 147 16.09 -9.06 12.05
CA ASN B 147 14.91 -8.90 11.24
CA ASN B 147 14.91 -8.90 11.24
C ASN B 147 15.28 -8.38 9.85
N ALA B 148 16.41 -7.75 9.71
CA ALA B 148 16.63 -7.06 8.41
C ALA B 148 18.09 -7.21 7.91
N ILE B 149 19.09 -6.90 8.74
CA ILE B 149 20.50 -6.92 8.22
CA ILE B 149 20.50 -6.91 8.27
C ILE B 149 20.97 -8.34 7.96
N ALA B 150 20.67 -9.27 8.87
CA ALA B 150 21.07 -10.69 8.61
C ALA B 150 20.40 -11.22 7.31
N PRO B 151 19.06 -10.97 7.12
CA PRO B 151 18.45 -11.37 5.83
C PRO B 151 19.19 -10.75 4.64
N PHE B 152 19.61 -9.49 4.72
CA PHE B 152 20.31 -8.87 3.59
C PHE B 152 21.67 -9.56 3.34
N LEU B 153 22.42 -9.81 4.42
CA LEU B 153 23.78 -10.42 4.30
C LEU B 153 23.64 -11.87 3.83
N LEU B 154 22.63 -12.54 4.33
CA LEU B 154 22.38 -13.93 3.84
C LEU B 154 22.01 -13.97 2.35
N THR B 155 21.15 -13.04 1.91
CA THR B 155 20.71 -12.86 0.51
C THR B 155 21.95 -12.59 -0.36
N MET B 156 22.84 -11.68 0.07
CA MET B 156 24.12 -11.38 -0.68
CA MET B 156 24.08 -11.39 -0.71
C MET B 156 24.94 -12.66 -0.81
N SER B 157 25.15 -13.36 0.32
CA SER B 157 25.97 -14.59 0.29
C SER B 157 25.29 -15.65 -0.57
N PHE B 158 23.98 -15.82 -0.43
CA PHE B 158 23.24 -16.82 -1.27
C PHE B 158 23.48 -16.53 -2.78
N ALA B 159 23.30 -15.26 -3.17
CA ALA B 159 23.33 -14.89 -4.59
C ALA B 159 24.78 -14.98 -5.10
N GLN B 160 25.74 -14.57 -4.29
CA GLN B 160 27.18 -14.58 -4.74
C GLN B 160 27.57 -16.03 -5.05
N ARG B 161 27.08 -16.99 -4.28
CA ARG B 161 27.47 -18.38 -4.47
C ARG B 161 26.71 -19.02 -5.65
N GLN B 162 25.76 -18.34 -6.33
CA GLN B 162 25.05 -18.97 -7.50
C GLN B 162 25.60 -18.42 -8.84
N ASN B 173 15.38 -23.61 -10.04
CA ASN B 173 14.33 -22.99 -9.22
C ASN B 173 14.90 -22.45 -7.91
N LEU B 174 15.69 -21.39 -8.01
CA LEU B 174 16.29 -20.77 -6.82
C LEU B 174 15.32 -19.75 -6.23
N SER B 175 15.13 -19.78 -4.90
CA SER B 175 14.32 -18.73 -4.39
C SER B 175 14.60 -18.46 -2.91
N ILE B 176 14.26 -17.21 -2.54
CA ILE B 176 14.38 -16.73 -1.16
C ILE B 176 12.97 -16.42 -0.63
N VAL B 177 12.67 -16.77 0.64
CA VAL B 177 11.35 -16.42 1.18
C VAL B 177 11.66 -15.72 2.48
N ASN B 178 11.16 -14.50 2.66
CA ASN B 178 11.36 -13.76 3.92
C ASN B 178 10.07 -13.79 4.73
N LEU B 179 10.18 -14.04 6.02
CA LEU B 179 8.99 -14.05 6.94
C LEU B 179 8.75 -12.60 7.40
N CYS B 180 7.69 -11.97 6.86
CA CYS B 180 7.38 -10.56 7.06
C CYS B 180 6.31 -10.51 8.17
N ASP B 181 5.45 -9.52 8.17
CA ASP B 181 4.45 -9.39 9.28
C ASP B 181 3.23 -8.66 8.64
N ALA B 182 2.05 -9.27 8.72
CA ALA B 182 0.88 -8.71 8.01
C ALA B 182 0.44 -7.37 8.65
N MET B 183 0.84 -7.15 9.89
CA MET B 183 0.37 -5.99 10.64
C MET B 183 1.43 -4.87 10.63
N VAL B 184 2.32 -4.88 9.67
CA VAL B 184 3.36 -3.80 9.64
C VAL B 184 2.71 -2.40 9.71
N ASP B 185 1.67 -2.18 8.92
CA ASP B 185 1.10 -0.83 8.87
C ASP B 185 0.12 -0.53 9.97
N GLN B 186 -0.12 -1.46 10.90
CA GLN B 186 -0.96 -1.21 12.04
C GLN B 186 -0.23 -1.76 13.26
N PRO B 187 0.88 -1.14 13.61
CA PRO B 187 1.86 -1.82 14.48
C PRO B 187 1.43 -1.90 15.96
N CYS B 188 1.98 -2.85 16.70
CA CYS B 188 1.77 -2.86 18.15
C CYS B 188 2.46 -1.63 18.76
N MET B 189 1.77 -1.04 19.74
CA MET B 189 2.24 0.08 20.50
C MET B 189 3.64 -0.23 21.10
N ALA B 190 4.60 0.68 20.96
CA ALA B 190 5.93 0.56 21.65
C ALA B 190 6.82 -0.53 21.03
N PHE B 191 6.52 -0.94 19.77
CA PHE B 191 7.36 -1.87 19.01
C PHE B 191 8.05 -1.18 17.84
N SER B 192 8.59 0.06 18.02
CA SER B 192 9.08 0.78 16.82
CA SER B 192 9.20 0.85 16.92
C SER B 192 10.29 0.07 16.19
N LEU B 193 11.28 -0.42 16.96
CA LEU B 193 12.45 -1.02 16.30
C LEU B 193 12.07 -2.34 15.62
N TYR B 194 11.20 -3.14 16.26
CA TYR B 194 10.73 -4.40 15.58
C TYR B 194 10.04 -4.00 14.24
N ASN B 195 9.17 -2.98 14.30
CA ASN B 195 8.35 -2.57 13.15
CA ASN B 195 8.37 -2.63 13.13
C ASN B 195 9.27 -2.01 12.06
N MET B 196 10.26 -1.25 12.48
CA MET B 196 11.26 -0.72 11.47
C MET B 196 11.98 -1.90 10.77
N GLY B 197 12.41 -2.93 11.58
CA GLY B 197 13.13 -4.05 10.96
C GLY B 197 12.21 -4.80 9.98
N LYS B 198 10.92 -5.01 10.31
CA LYS B 198 10.05 -5.74 9.36
C LYS B 198 9.69 -4.87 8.14
N HIS B 199 9.63 -3.52 8.27
CA HIS B 199 9.44 -2.71 7.03
C HIS B 199 10.70 -2.83 6.18
N ALA B 200 11.87 -2.81 6.84
CA ALA B 200 13.17 -2.89 6.08
C ALA B 200 13.18 -4.22 5.33
N LEU B 201 12.63 -5.24 5.97
CA LEU B 201 12.57 -6.58 5.26
C LEU B 201 11.65 -6.57 4.03
N VAL B 202 10.54 -5.81 4.05
CA VAL B 202 9.71 -5.64 2.81
C VAL B 202 10.59 -5.00 1.75
N GLY B 203 11.31 -3.94 2.19
CA GLY B 203 12.14 -3.28 1.18
C GLY B 203 13.16 -4.23 0.59
N LEU B 204 13.80 -5.02 1.44
CA LEU B 204 14.80 -6.02 0.93
C LEU B 204 14.10 -6.98 -0.05
N THR B 205 12.91 -7.48 0.32
CA THR B 205 12.19 -8.45 -0.54
C THR B 205 11.97 -7.84 -1.92
N GLN B 206 11.53 -6.57 -1.97
CA GLN B 206 11.30 -5.93 -3.29
C GLN B 206 12.63 -5.64 -3.99
N SER B 207 13.56 -4.99 -3.29
CA SER B 207 14.89 -4.62 -3.92
C SER B 207 15.58 -5.89 -4.45
N ALA B 208 15.65 -6.96 -3.64
CA ALA B 208 16.40 -8.19 -4.03
C ALA B 208 15.63 -8.91 -5.14
N ALA B 209 14.31 -8.85 -5.12
CA ALA B 209 13.55 -9.49 -6.27
C ALA B 209 13.97 -8.81 -7.59
N LEU B 210 14.04 -7.49 -7.58
CA LEU B 210 14.37 -6.77 -8.81
CA LEU B 210 14.38 -6.75 -8.78
C LEU B 210 15.81 -7.08 -9.23
N GLU B 211 16.73 -7.07 -8.28
CA GLU B 211 18.15 -7.20 -8.61
C GLU B 211 18.52 -8.63 -8.99
N LEU B 212 17.88 -9.65 -8.38
CA LEU B 212 18.30 -11.07 -8.58
C LEU B 212 17.48 -11.73 -9.70
N ALA B 213 16.38 -11.05 -10.16
CA ALA B 213 15.53 -11.61 -11.24
C ALA B 213 16.38 -11.97 -12.48
N PRO B 214 17.36 -11.15 -12.89
CA PRO B 214 18.26 -11.64 -14.03
C PRO B 214 19.04 -12.95 -13.81
N TYR B 215 19.29 -13.37 -12.56
CA TYR B 215 19.97 -14.63 -12.20
C TYR B 215 18.94 -15.77 -12.01
N GLY B 216 17.69 -15.44 -12.17
CA GLY B 216 16.71 -16.51 -12.03
C GLY B 216 16.36 -16.77 -10.57
N ILE B 217 16.74 -15.86 -9.67
CA ILE B 217 16.44 -16.08 -8.24
C ILE B 217 15.18 -15.26 -7.92
N ARG B 218 14.15 -15.93 -7.40
CA ARG B 218 12.92 -15.22 -7.08
C ARG B 218 12.98 -14.88 -5.57
N VAL B 219 12.33 -13.81 -5.17
CA VAL B 219 12.42 -13.37 -3.77
C VAL B 219 11.01 -12.96 -3.37
N ASN B 220 10.48 -13.57 -2.31
CA ASN B 220 9.08 -13.37 -1.96
C ASN B 220 8.97 -13.34 -0.43
N GLY B 221 7.78 -13.01 0.07
CA GLY B 221 7.59 -13.02 1.52
C GLY B 221 6.32 -13.75 1.89
N VAL B 222 6.29 -14.18 3.12
CA VAL B 222 5.04 -14.67 3.71
C VAL B 222 4.82 -13.86 4.99
N ALA B 223 3.62 -13.32 5.13
CA ALA B 223 3.35 -12.35 6.25
C ALA B 223 2.27 -12.95 7.15
N PRO B 224 2.68 -13.55 8.29
CA PRO B 224 1.66 -14.05 9.18
C PRO B 224 0.96 -12.88 9.87
N GLY B 225 -0.24 -13.13 10.38
CA GLY B 225 -0.83 -12.14 11.26
C GLY B 225 -0.59 -12.60 12.70
N VAL B 226 -1.53 -13.36 13.22
CA VAL B 226 -1.23 -13.98 14.51
CA VAL B 226 -1.33 -13.99 14.55
C VAL B 226 -1.15 -15.49 14.28
N SER B 227 0.02 -16.03 14.63
CA SER B 227 0.26 -17.46 14.42
C SER B 227 0.59 -18.00 15.83
N LEU B 228 1.53 -18.92 15.98
CA LEU B 228 1.82 -19.46 17.33
C LEU B 228 2.10 -18.33 18.31
N LEU B 229 1.34 -18.29 19.41
CA LEU B 229 1.49 -17.21 20.37
C LEU B 229 2.62 -17.51 21.35
N PRO B 230 3.20 -16.43 21.97
CA PRO B 230 4.37 -16.52 22.89
C PRO B 230 4.16 -17.62 23.96
N VAL B 231 5.24 -18.34 24.31
CA VAL B 231 5.15 -19.50 25.25
C VAL B 231 4.50 -19.02 26.56
N ALA B 232 4.97 -17.87 27.04
CA ALA B 232 4.64 -17.27 28.35
C ALA B 232 3.12 -17.04 28.50
N MET B 233 2.49 -16.62 27.39
CA MET B 233 1.25 -15.86 27.38
C MET B 233 0.11 -16.67 28.02
N GLY B 234 -0.64 -16.05 28.95
CA GLY B 234 -1.85 -16.70 29.51
C GLY B 234 -2.93 -16.91 28.45
N GLU B 235 -3.73 -17.99 28.59
CA GLU B 235 -4.80 -18.30 27.66
C GLU B 235 -5.78 -17.13 27.53
N GLU B 236 -6.04 -16.41 28.62
CA GLU B 236 -6.98 -15.29 28.57
C GLU B 236 -6.45 -14.20 27.63
N GLU B 237 -5.12 -13.97 27.61
CA GLU B 237 -4.55 -12.94 26.66
C GLU B 237 -4.52 -13.53 25.23
N LYS B 238 -4.23 -14.82 25.11
CA LYS B 238 -4.17 -15.47 23.79
C LYS B 238 -5.56 -15.41 23.15
N ASP B 239 -6.58 -15.60 24.00
CA ASP B 239 -7.96 -15.46 23.55
C ASP B 239 -8.35 -14.07 23.07
N LYS B 240 -7.78 -13.00 23.66
CA LYS B 240 -8.05 -11.64 23.17
C LYS B 240 -7.60 -11.55 21.71
N TRP B 241 -6.48 -12.16 21.37
CA TRP B 241 -5.95 -12.09 19.99
C TRP B 241 -6.79 -12.98 19.06
N ARG B 242 -7.06 -14.18 19.53
CA ARG B 242 -7.79 -15.21 18.72
C ARG B 242 -9.13 -14.63 18.30
N ARG B 243 -9.81 -13.98 19.25
CA ARG B 243 -11.12 -13.40 19.02
C ARG B 243 -11.08 -12.32 17.93
N LYS B 244 -9.94 -11.72 17.66
CA LYS B 244 -9.96 -10.65 16.65
C LYS B 244 -9.82 -11.21 15.23
N VAL B 245 -9.54 -12.49 15.02
CA VAL B 245 -9.30 -13.02 13.68
C VAL B 245 -10.66 -13.37 13.05
N PRO B 246 -11.00 -12.76 11.89
CA PRO B 246 -12.29 -13.07 11.22
C PRO B 246 -12.46 -14.55 10.85
N LEU B 247 -11.46 -15.15 10.22
CA LEU B 247 -11.57 -16.48 9.72
C LEU B 247 -11.26 -17.50 10.86
N GLY B 248 -12.30 -17.84 11.62
CA GLY B 248 -12.20 -18.96 12.55
C GLY B 248 -11.89 -18.53 13.99
N ARG B 249 -11.63 -17.23 14.29
CA ARG B 249 -11.29 -16.75 15.61
C ARG B 249 -10.21 -17.64 16.26
N ARG B 250 -9.17 -17.89 15.51
CA ARG B 250 -8.03 -18.69 16.00
C ARG B 250 -6.78 -18.20 15.26
N GLU B 251 -5.61 -18.52 15.85
CA GLU B 251 -4.33 -18.16 15.27
C GLU B 251 -3.99 -19.16 14.16
N ALA B 252 -3.08 -18.79 13.23
CA ALA B 252 -2.60 -19.75 12.24
C ALA B 252 -1.68 -20.78 12.94
N SER B 253 -1.80 -22.00 12.52
CA SER B 253 -0.79 -23.01 12.92
C SER B 253 0.53 -22.70 12.21
N ALA B 254 1.61 -23.26 12.75
CA ALA B 254 2.93 -23.06 12.07
C ALA B 254 2.87 -23.73 10.70
N GLU B 255 2.12 -24.84 10.59
CA GLU B 255 1.99 -25.57 9.34
C GLU B 255 1.31 -24.72 8.26
N GLN B 256 0.30 -23.93 8.68
CA GLN B 256 -0.42 -23.07 7.72
C GLN B 256 0.55 -22.02 7.13
N ILE B 257 1.40 -21.48 7.98
CA ILE B 257 2.42 -20.53 7.48
C ILE B 257 3.37 -21.30 6.54
N ALA B 258 3.83 -22.48 6.99
CA ALA B 258 4.79 -23.29 6.14
C ALA B 258 4.17 -23.60 4.78
N ASP B 259 2.86 -23.85 4.75
CA ASP B 259 2.21 -24.17 3.44
C ASP B 259 2.43 -23.04 2.37
N ALA B 260 2.35 -21.76 2.80
CA ALA B 260 2.53 -20.62 1.89
C ALA B 260 4.00 -20.60 1.44
N VAL B 261 4.94 -20.90 2.36
CA VAL B 261 6.38 -20.95 1.96
C VAL B 261 6.58 -22.07 0.91
N ILE B 262 6.06 -23.25 1.15
CA ILE B 262 6.11 -24.38 0.17
C ILE B 262 5.58 -23.97 -1.21
N PHE B 263 4.39 -23.34 -1.25
CA PHE B 263 3.92 -22.80 -2.54
C PHE B 263 4.97 -21.88 -3.18
N LEU B 264 5.54 -20.88 -2.45
CA LEU B 264 6.43 -19.92 -3.12
C LEU B 264 7.73 -20.57 -3.62
N VAL B 265 8.19 -21.60 -2.97
CA VAL B 265 9.44 -22.20 -3.50
C VAL B 265 9.15 -23.22 -4.60
N SER B 266 7.88 -23.51 -4.83
CA SER B 266 7.49 -24.63 -5.75
C SER B 266 7.49 -24.14 -7.22
N GLY B 267 7.45 -25.11 -8.13
CA GLY B 267 7.20 -24.86 -9.60
C GLY B 267 5.86 -24.20 -9.89
N SER B 268 4.90 -24.24 -8.97
CA SER B 268 3.60 -23.49 -9.12
C SER B 268 3.75 -21.97 -8.95
N ALA B 269 4.96 -21.48 -8.58
CA ALA B 269 5.15 -20.04 -8.31
C ALA B 269 6.28 -19.48 -9.17
N GLN B 270 6.56 -20.12 -10.32
CA GLN B 270 7.78 -19.84 -11.00
C GLN B 270 7.74 -18.43 -11.64
N TYR B 271 6.61 -17.74 -11.70
CA TYR B 271 6.62 -16.37 -12.27
C TYR B 271 6.42 -15.36 -11.13
N ILE B 272 6.34 -15.86 -9.87
CA ILE B 272 6.06 -14.93 -8.73
C ILE B 272 7.39 -14.43 -8.13
N THR B 273 7.62 -13.11 -8.13
CA THR B 273 8.79 -12.55 -7.44
C THR B 273 8.38 -11.15 -6.96
N GLY B 274 8.89 -10.82 -5.79
CA GLY B 274 8.60 -9.53 -5.21
C GLY B 274 7.20 -9.50 -4.58
N SER B 275 6.58 -10.64 -4.27
CA SER B 275 5.18 -10.65 -3.76
C SER B 275 5.26 -11.06 -2.30
N ILE B 276 4.29 -10.54 -1.51
CA ILE B 276 4.24 -10.91 -0.08
C ILE B 276 2.84 -11.47 0.18
N ILE B 277 2.74 -12.77 0.48
CA ILE B 277 1.44 -13.37 0.70
C ILE B 277 1.11 -13.25 2.19
N LYS B 278 -0.02 -12.59 2.53
CA LYS B 278 -0.43 -12.51 3.88
C LYS B 278 -1.12 -13.82 4.21
N VAL B 279 -0.84 -14.38 5.40
CA VAL B 279 -1.53 -15.58 5.87
C VAL B 279 -1.99 -15.17 7.27
N ASP B 280 -3.10 -14.45 7.29
CA ASP B 280 -3.51 -13.80 8.53
C ASP B 280 -4.99 -13.92 8.87
N GLY B 281 -5.72 -14.75 8.14
CA GLY B 281 -7.17 -14.98 8.55
C GLY B 281 -8.02 -13.71 8.43
N GLY B 282 -7.57 -12.68 7.69
CA GLY B 282 -8.29 -11.43 7.56
C GLY B 282 -7.95 -10.40 8.65
N LEU B 283 -7.03 -10.74 9.57
CA LEU B 283 -6.75 -9.88 10.74
C LEU B 283 -6.39 -8.45 10.30
N SER B 284 -5.58 -8.30 9.26
CA SER B 284 -5.12 -6.96 8.90
C SER B 284 -6.26 -6.07 8.34
N LEU B 285 -7.42 -6.67 7.99
CA LEU B 285 -8.59 -5.93 7.40
C LEU B 285 -9.46 -5.34 8.50
N VAL B 286 -9.16 -5.68 9.76
CA VAL B 286 -10.08 -5.34 10.88
C VAL B 286 -9.68 -3.97 11.47
N HIS B 287 -10.64 -3.04 11.47
CA HIS B 287 -10.38 -1.69 11.98
C HIS B 287 -10.42 -1.73 13.52
N ALA B 288 -9.85 -0.71 14.18
CA ALA B 288 -9.78 -0.61 15.64
C ALA B 288 -11.20 -0.62 16.24
N GLU C 22 -10.12 37.10 -12.79
CA GLU C 22 -8.88 37.45 -12.01
C GLU C 22 -8.90 36.77 -10.62
N ALA C 23 -10.01 36.82 -9.87
CA ALA C 23 -10.14 35.89 -8.73
C ALA C 23 -10.40 34.46 -9.28
N PRO C 24 -9.63 33.46 -8.76
CA PRO C 24 -9.91 32.08 -9.26
C PRO C 24 -11.31 31.62 -8.80
N ALA C 25 -11.82 30.52 -9.38
CA ALA C 25 -13.17 30.01 -9.04
C ALA C 25 -13.11 28.50 -8.76
N ALA C 26 -13.93 28.04 -7.81
CA ALA C 26 -13.93 26.61 -7.43
C ALA C 26 -15.36 26.07 -7.47
N VAL C 27 -15.49 24.80 -7.86
CA VAL C 27 -16.75 24.06 -7.67
C VAL C 27 -16.61 23.12 -6.46
N VAL C 28 -17.55 23.15 -5.50
CA VAL C 28 -17.52 22.14 -4.42
C VAL C 28 -18.83 21.35 -4.48
N THR C 29 -18.75 20.01 -4.63
CA THR C 29 -19.99 19.24 -4.72
C THR C 29 -20.46 18.93 -3.31
N GLY C 30 -21.76 18.83 -3.11
CA GLY C 30 -22.31 18.56 -1.77
C GLY C 30 -21.89 19.62 -0.75
N ALA C 31 -21.92 20.90 -1.17
CA ALA C 31 -21.29 21.97 -0.38
C ALA C 31 -22.29 22.66 0.58
N ALA C 32 -23.51 22.19 0.74
CA ALA C 32 -24.46 22.93 1.58
C ALA C 32 -24.22 22.69 3.07
N LYS C 33 -23.67 21.51 3.41
CA LYS C 33 -23.53 21.21 4.84
C LYS C 33 -22.17 20.53 5.10
N ARG C 34 -21.86 20.47 6.40
CA ARG C 34 -20.85 19.61 6.98
C ARG C 34 -19.52 19.87 6.28
N ILE C 35 -18.87 18.84 5.73
CA ILE C 35 -17.46 19.04 5.31
C ILE C 35 -17.44 19.92 4.06
N GLY C 36 -18.36 19.68 3.12
CA GLY C 36 -18.32 20.48 1.85
C GLY C 36 -18.56 21.97 2.12
N ARG C 37 -19.38 22.30 3.10
CA ARG C 37 -19.62 23.73 3.50
C ARG C 37 -18.32 24.33 4.04
N ALA C 38 -17.65 23.58 4.93
CA ALA C 38 -16.43 24.11 5.53
C ALA C 38 -15.36 24.30 4.42
N ILE C 39 -15.35 23.41 3.43
CA ILE C 39 -14.40 23.57 2.31
C ILE C 39 -14.82 24.80 1.49
N ALA C 40 -16.11 24.96 1.21
CA ALA C 40 -16.55 26.16 0.37
C ALA C 40 -16.19 27.46 1.12
N VAL C 41 -16.43 27.48 2.44
CA VAL C 41 -16.13 28.70 3.24
C VAL C 41 -14.64 29.05 3.19
N LYS C 42 -13.80 28.02 3.49
CA LYS C 42 -12.39 28.19 3.51
C LYS C 42 -11.89 28.58 2.11
N LEU C 43 -12.41 27.98 1.02
CA LEU C 43 -11.92 28.50 -0.30
C LEU C 43 -12.29 30.00 -0.46
N HIS C 44 -13.53 30.29 -0.15
CA HIS C 44 -14.07 31.68 -0.34
C HIS C 44 -13.22 32.67 0.49
N GLN C 45 -12.94 32.28 1.74
CA GLN C 45 -11.99 33.04 2.65
C GLN C 45 -10.60 33.22 2.02
N THR C 46 -10.14 32.32 1.16
CA THR C 46 -8.82 32.41 0.56
C THR C 46 -8.91 33.29 -0.69
N GLY C 47 -10.14 33.68 -1.08
CA GLY C 47 -10.29 34.54 -2.23
C GLY C 47 -10.92 33.87 -3.45
N TYR C 48 -11.38 32.62 -3.34
CA TYR C 48 -12.01 31.98 -4.52
C TYR C 48 -13.46 32.48 -4.63
N ARG C 49 -13.99 32.53 -5.84
CA ARG C 49 -15.46 32.51 -6.06
C ARG C 49 -15.93 31.06 -6.11
N VAL C 50 -17.13 30.75 -5.63
CA VAL C 50 -17.46 29.34 -5.44
C VAL C 50 -18.85 29.02 -6.01
N VAL C 51 -18.95 27.83 -6.57
CA VAL C 51 -20.22 27.22 -6.91
C VAL C 51 -20.55 26.23 -5.80
N ILE C 52 -21.65 26.45 -5.12
CA ILE C 52 -22.14 25.56 -4.06
C ILE C 52 -23.11 24.56 -4.71
N HIS C 53 -22.68 23.32 -4.93
CA HIS C 53 -23.58 22.32 -5.49
C HIS C 53 -24.41 21.67 -4.38
N TYR C 54 -25.69 21.34 -4.67
CA TYR C 54 -26.59 20.71 -3.74
C TYR C 54 -27.52 19.76 -4.55
N HIS C 55 -28.10 18.83 -3.84
CA HIS C 55 -29.07 17.91 -4.40
C HIS C 55 -30.41 18.20 -3.72
N ASN C 56 -30.53 17.91 -2.45
CA ASN C 56 -31.77 18.10 -1.71
C ASN C 56 -31.65 19.29 -0.76
N SER C 57 -30.49 19.92 -0.60
CA SER C 57 -30.37 20.91 0.50
C SER C 57 -30.42 22.36 -0.06
N ALA C 58 -31.51 22.74 -0.76
CA ALA C 58 -31.52 24.08 -1.42
C ALA C 58 -31.45 25.22 -0.38
N GLU C 59 -32.20 25.08 0.69
CA GLU C 59 -32.30 26.19 1.65
C GLU C 59 -30.92 26.45 2.28
N ALA C 60 -30.27 25.37 2.71
CA ALA C 60 -28.94 25.45 3.28
C ALA C 60 -27.94 26.01 2.25
N ALA C 61 -28.02 25.58 0.98
CA ALA C 61 -27.03 26.05 -0.01
C ALA C 61 -27.20 27.56 -0.26
N VAL C 62 -28.46 27.97 -0.33
CA VAL C 62 -28.75 29.39 -0.57
C VAL C 62 -28.35 30.23 0.64
N SER C 63 -28.63 29.72 1.82
CA SER C 63 -28.17 30.40 3.04
C SER C 63 -26.64 30.60 3.05
N LEU C 64 -25.85 29.56 2.64
CA LEU C 64 -24.40 29.71 2.57
C LEU C 64 -24.06 30.77 1.54
N ALA C 65 -24.66 30.66 0.34
CA ALA C 65 -24.34 31.63 -0.73
C ALA C 65 -24.62 33.08 -0.26
N ASP C 66 -25.69 33.26 0.50
CA ASP C 66 -26.11 34.63 0.98
C ASP C 66 -25.03 35.15 1.96
N GLU C 67 -24.61 34.27 2.87
CA GLU C 67 -23.54 34.60 3.81
C GLU C 67 -22.25 34.96 3.07
N LEU C 68 -21.87 34.24 2.01
CA LEU C 68 -20.63 34.57 1.31
C LEU C 68 -20.75 35.83 0.44
N ASN C 69 -21.89 36.03 -0.19
CA ASN C 69 -22.07 37.23 -1.05
C ASN C 69 -22.19 38.52 -0.19
N LYS C 70 -22.69 38.45 1.04
CA LYS C 70 -22.63 39.61 1.96
C LYS C 70 -21.16 39.99 2.22
N GLU C 71 -20.28 38.99 2.45
CA GLU C 71 -18.84 39.29 2.61
C GLU C 71 -18.25 39.92 1.33
N ARG C 72 -18.50 39.34 0.15
CA ARG C 72 -17.97 39.86 -1.13
C ARG C 72 -19.06 39.64 -2.19
N SER C 73 -19.51 40.73 -2.82
CA SER C 73 -20.69 40.65 -3.67
C SER C 73 -20.40 39.76 -4.89
N ASN C 74 -21.41 38.98 -5.29
CA ASN C 74 -21.37 38.19 -6.55
C ASN C 74 -20.14 37.23 -6.54
N THR C 75 -19.91 36.55 -5.42
CA THR C 75 -18.74 35.61 -5.42
C THR C 75 -19.19 34.17 -5.15
N ALA C 76 -20.50 33.94 -5.02
CA ALA C 76 -21.05 32.59 -4.71
C ALA C 76 -22.39 32.41 -5.45
N VAL C 77 -22.49 31.28 -6.19
CA VAL C 77 -23.75 30.82 -6.77
C VAL C 77 -24.03 29.39 -6.30
N VAL C 78 -25.26 28.95 -6.49
CA VAL C 78 -25.66 27.58 -6.20
C VAL C 78 -25.93 26.83 -7.51
N CYS C 79 -25.90 25.49 -7.44
CA CYS C 79 -26.17 24.69 -8.59
C CYS C 79 -26.78 23.38 -8.13
N GLN C 80 -28.00 23.06 -8.63
CA GLN C 80 -28.69 21.85 -8.22
C GLN C 80 -28.28 20.72 -9.16
N ALA C 81 -27.96 19.54 -8.61
CA ALA C 81 -27.92 18.34 -9.49
C ALA C 81 -28.00 17.07 -8.65
N ASP C 82 -28.70 16.06 -9.16
CA ASP C 82 -28.66 14.75 -8.51
C ASP C 82 -27.42 14.03 -9.05
N LEU C 83 -26.57 13.44 -8.17
CA LEU C 83 -25.35 12.78 -8.69
C LEU C 83 -25.46 11.23 -8.70
N THR C 84 -26.67 10.74 -8.49
CA THR C 84 -27.00 9.26 -8.75
C THR C 84 -26.51 8.86 -10.16
N ASN C 85 -25.88 7.68 -10.35
CA ASN C 85 -25.61 7.23 -11.77
C ASN C 85 -26.94 7.03 -12.54
N SER C 86 -27.05 7.55 -13.77
CA SER C 86 -28.20 7.34 -14.65
C SER C 86 -27.75 7.74 -16.05
N ASN C 87 -28.64 7.56 -17.03
CA ASN C 87 -28.38 8.01 -18.43
C ASN C 87 -28.20 9.53 -18.46
N VAL C 88 -28.73 10.25 -17.45
CA VAL C 88 -28.56 11.76 -17.46
C VAL C 88 -27.41 12.25 -16.57
N LEU C 89 -26.72 11.39 -15.81
CA LEU C 89 -25.60 11.93 -14.94
C LEU C 89 -24.56 12.68 -15.79
N PRO C 90 -24.20 12.17 -16.99
CA PRO C 90 -23.22 12.98 -17.72
C PRO C 90 -23.63 14.45 -18.00
N ALA C 91 -24.89 14.66 -18.40
CA ALA C 91 -25.46 16.01 -18.60
C ALA C 91 -25.47 16.79 -17.28
N SER C 92 -25.83 16.16 -16.17
CA SER C 92 -25.78 16.85 -14.87
C SER C 92 -24.37 17.32 -14.47
N CYS C 93 -23.34 16.48 -14.68
CA CYS C 93 -21.94 16.81 -14.34
C CYS C 93 -21.45 17.91 -15.27
N GLU C 94 -21.84 17.79 -16.52
CA GLU C 94 -21.45 18.88 -17.47
C GLU C 94 -22.04 20.24 -17.04
N GLU C 95 -23.26 20.25 -16.51
CA GLU C 95 -23.97 21.47 -16.12
C GLU C 95 -23.28 22.08 -14.90
N ILE C 96 -22.83 21.24 -13.94
CA ILE C 96 -22.18 21.78 -12.73
C ILE C 96 -20.91 22.54 -13.16
N ILE C 97 -20.15 21.95 -14.08
CA ILE C 97 -18.90 22.59 -14.42
C ILE C 97 -19.26 23.87 -15.22
N ASN C 98 -20.23 23.71 -16.13
CA ASN C 98 -20.65 24.90 -16.99
C ASN C 98 -21.11 26.07 -16.12
N SER C 99 -21.79 25.76 -15.00
CA SER C 99 -22.32 26.82 -14.14
C SER C 99 -21.16 27.64 -13.53
N CYS C 100 -20.00 27.00 -13.32
CA CYS C 100 -18.83 27.76 -12.86
C CYS C 100 -18.34 28.72 -13.97
N PHE C 101 -18.23 28.23 -15.19
CA PHE C 101 -17.75 29.03 -16.33
C PHE C 101 -18.73 30.20 -16.65
N ARG C 102 -20.00 29.94 -16.54
CA ARG C 102 -21.01 30.98 -16.79
C ARG C 102 -20.93 32.07 -15.75
N ALA C 103 -20.93 31.68 -14.46
CA ALA C 103 -20.93 32.66 -13.38
C ALA C 103 -19.60 33.43 -13.39
N PHE C 104 -18.45 32.78 -13.68
CA PHE C 104 -17.20 33.38 -13.23
C PHE C 104 -16.20 33.45 -14.38
N GLY C 105 -16.51 32.83 -15.48
CA GLY C 105 -15.61 32.95 -16.66
C GLY C 105 -14.47 31.96 -16.63
N ARG C 106 -14.41 31.11 -15.60
CA ARG C 106 -13.21 30.21 -15.46
C ARG C 106 -13.59 29.17 -14.41
N CYS C 107 -12.79 28.09 -14.33
CA CYS C 107 -13.00 27.10 -13.22
C CYS C 107 -11.60 26.53 -12.93
N ASP C 108 -11.11 26.87 -11.76
CA ASP C 108 -9.68 26.58 -11.43
C ASP C 108 -9.61 25.34 -10.55
N VAL C 109 -10.63 25.12 -9.75
CA VAL C 109 -10.61 24.00 -8.77
C VAL C 109 -11.93 23.24 -8.81
N LEU C 110 -11.85 21.89 -8.79
CA LEU C 110 -13.00 21.02 -8.56
C LEU C 110 -12.74 20.24 -7.26
N VAL C 111 -13.67 20.30 -6.31
CA VAL C 111 -13.61 19.50 -5.12
C VAL C 111 -14.76 18.48 -5.19
N ASN C 112 -14.42 17.18 -5.34
CA ASN C 112 -15.41 16.11 -5.36
C ASN C 112 -15.62 15.66 -3.93
N ASN C 113 -16.66 16.20 -3.32
CA ASN C 113 -16.91 16.06 -1.91
C ASN C 113 -18.22 15.28 -1.71
N ALA C 114 -19.23 15.38 -2.60
CA ALA C 114 -20.54 14.69 -2.40
C ALA C 114 -20.38 13.17 -2.25
N SER C 115 -21.11 12.58 -1.33
CA SER C 115 -20.91 11.17 -1.05
C SER C 115 -22.20 10.56 -0.47
N ALA C 116 -22.57 9.36 -0.92
CA ALA C 116 -23.62 8.55 -0.25
C ALA C 116 -22.93 7.55 0.68
N PHE C 117 -23.54 7.20 1.79
CA PHE C 117 -22.86 6.38 2.72
C PHE C 117 -23.93 5.58 3.48
N TYR C 118 -23.94 4.26 3.32
CA TYR C 118 -24.83 3.39 4.10
C TYR C 118 -24.48 1.91 3.81
N PRO C 119 -24.90 1.00 4.69
CA PRO C 119 -24.42 -0.38 4.50
C PRO C 119 -25.18 -1.16 3.42
N THR C 120 -24.54 -2.17 2.85
CA THR C 120 -25.09 -2.99 1.79
C THR C 120 -24.61 -4.43 2.02
N PRO C 121 -25.22 -5.13 2.98
CA PRO C 121 -24.80 -6.48 3.42
C PRO C 121 -24.82 -7.46 2.26
N LEU C 122 -23.83 -8.35 2.23
CA LEU C 122 -23.76 -9.30 1.13
C LEU C 122 -24.77 -10.43 1.38
N VAL C 123 -25.09 -10.70 2.65
CA VAL C 123 -25.95 -11.88 3.00
C VAL C 123 -27.21 -11.40 3.72
N LYS C 134 -34.44 0.08 -1.02
CA LYS C 134 -33.71 0.33 -2.27
C LYS C 134 -33.39 -1.01 -2.91
N THR C 135 -33.64 -1.16 -4.21
CA THR C 135 -33.11 -2.30 -4.93
C THR C 135 -31.57 -2.21 -4.90
N VAL C 136 -30.94 -3.34 -5.15
CA VAL C 136 -29.47 -3.39 -5.20
C VAL C 136 -29.00 -2.45 -6.31
N GLU C 137 -29.71 -2.37 -7.44
CA GLU C 137 -29.20 -1.60 -8.58
C GLU C 137 -29.35 -0.09 -8.28
N THR C 138 -30.27 0.28 -7.40
CA THR C 138 -30.34 1.68 -6.90
C THR C 138 -29.17 1.96 -5.91
N GLN C 139 -28.85 0.98 -5.07
CA GLN C 139 -27.71 1.12 -4.15
CA GLN C 139 -27.71 1.10 -4.15
C GLN C 139 -26.43 1.27 -4.99
N VAL C 140 -26.34 0.54 -6.06
CA VAL C 140 -25.19 0.68 -6.96
C VAL C 140 -25.16 2.10 -7.56
N ALA C 141 -26.30 2.56 -8.06
CA ALA C 141 -26.35 3.90 -8.69
C ALA C 141 -25.97 5.02 -7.69
N GLU C 142 -26.35 4.90 -6.42
CA GLU C 142 -25.98 5.90 -5.46
C GLU C 142 -24.55 5.73 -4.95
N LEU C 143 -24.18 4.52 -4.42
CA LEU C 143 -22.88 4.36 -3.78
C LEU C 143 -21.77 4.36 -4.82
N ILE C 144 -21.96 3.78 -5.99
CA ILE C 144 -20.88 3.83 -6.98
C ILE C 144 -21.05 5.08 -7.82
N GLY C 145 -22.28 5.41 -8.16
CA GLY C 145 -22.55 6.67 -8.94
C GLY C 145 -22.07 7.94 -8.27
N THR C 146 -22.55 8.30 -7.06
N THR C 146 -22.58 8.19 -7.07
CA THR C 146 -22.04 9.57 -6.45
CA THR C 146 -22.28 9.43 -6.42
C THR C 146 -20.54 9.49 -6.13
C THR C 146 -20.81 9.44 -5.95
N ASN C 147 -20.12 8.37 -5.53
N ASN C 147 -20.26 8.28 -5.53
CA ASN C 147 -18.78 8.30 -4.93
CA ASN C 147 -18.89 8.25 -4.95
C ASN C 147 -17.68 8.12 -6.00
C ASN C 147 -17.77 8.17 -6.00
N ALA C 148 -18.02 7.63 -7.19
CA ALA C 148 -16.93 7.39 -8.12
C ALA C 148 -17.26 7.88 -9.55
N ILE C 149 -18.44 7.50 -10.02
CA ILE C 149 -18.80 7.84 -11.46
C ILE C 149 -18.98 9.34 -11.61
N ALA C 150 -19.64 10.01 -10.68
CA ALA C 150 -19.81 11.50 -10.81
C ALA C 150 -18.45 12.22 -10.75
N PRO C 151 -17.56 11.78 -9.82
CA PRO C 151 -16.22 12.35 -9.88
C PRO C 151 -15.55 12.16 -11.24
N PHE C 152 -15.68 10.99 -11.82
CA PHE C 152 -15.04 10.71 -13.09
C PHE C 152 -15.63 11.66 -14.17
N LEU C 153 -16.96 11.80 -14.19
CA LEU C 153 -17.60 12.65 -15.26
C LEU C 153 -17.32 14.14 -15.04
N LEU C 154 -17.38 14.56 -13.78
CA LEU C 154 -16.96 15.94 -13.44
C LEU C 154 -15.52 16.19 -13.84
N THR C 155 -14.65 15.20 -13.60
CA THR C 155 -13.24 15.34 -13.98
C THR C 155 -13.17 15.49 -15.51
N MET C 156 -13.84 14.64 -16.28
CA MET C 156 -13.77 14.79 -17.74
C MET C 156 -14.25 16.20 -18.14
N SER C 157 -15.42 16.63 -17.62
CA SER C 157 -15.96 17.93 -18.07
C SER C 157 -14.99 19.05 -17.70
N PHE C 158 -14.46 19.01 -16.48
CA PHE C 158 -13.50 20.05 -15.96
C PHE C 158 -12.29 20.12 -16.91
N ALA C 159 -11.74 18.98 -17.27
CA ALA C 159 -10.53 18.90 -18.09
C ALA C 159 -10.85 19.35 -19.53
N GLN C 160 -11.98 18.92 -20.09
CA GLN C 160 -12.42 19.26 -21.50
CA GLN C 160 -12.33 19.27 -21.49
C GLN C 160 -12.57 20.79 -21.63
N ARG C 161 -13.13 21.44 -20.59
CA ARG C 161 -13.40 22.88 -20.65
C ARG C 161 -12.09 23.67 -20.44
N GLN C 162 -10.97 23.02 -20.10
CA GLN C 162 -9.71 23.75 -20.06
C GLN C 162 -9.03 23.61 -21.43
N SER C 172 -1.59 29.58 -14.48
CA SER C 172 -2.74 29.04 -13.74
C SER C 172 -2.30 28.02 -12.68
N ASN C 173 -3.22 27.71 -11.78
CA ASN C 173 -2.98 26.63 -10.78
C ASN C 173 -4.27 25.77 -10.72
N LEU C 174 -4.43 24.87 -11.67
CA LEU C 174 -5.68 24.08 -11.80
C LEU C 174 -5.51 22.78 -11.01
N SER C 175 -6.51 22.42 -10.24
CA SER C 175 -6.36 21.15 -9.49
C SER C 175 -7.75 20.58 -9.10
N ILE C 176 -7.77 19.26 -8.94
CA ILE C 176 -8.97 18.59 -8.47
C ILE C 176 -8.60 17.94 -7.13
N VAL C 177 -9.50 17.96 -6.17
CA VAL C 177 -9.27 17.26 -4.89
C VAL C 177 -10.46 16.33 -4.69
N ASN C 178 -10.20 15.03 -4.45
CA ASN C 178 -11.21 14.06 -4.25
C ASN C 178 -11.28 13.71 -2.76
N LEU C 179 -12.46 13.70 -2.17
CA LEU C 179 -12.60 13.28 -0.75
C LEU C 179 -12.69 11.74 -0.69
N CYS C 180 -11.61 11.14 -0.14
CA CYS C 180 -11.34 9.70 -0.16
C CYS C 180 -11.75 9.19 1.23
N ASP C 181 -11.18 8.10 1.73
CA ASP C 181 -11.57 7.61 3.07
C ASP C 181 -10.31 6.92 3.63
N ALA C 182 -9.85 7.33 4.81
CA ALA C 182 -8.56 6.81 5.30
C ALA C 182 -8.71 5.33 5.70
N MET C 183 -9.94 4.85 5.88
CA MET C 183 -10.14 3.46 6.35
C MET C 183 -10.50 2.54 5.19
N VAL C 184 -10.15 2.90 3.95
CA VAL C 184 -10.47 2.14 2.75
C VAL C 184 -9.92 0.69 2.83
N ASP C 185 -8.75 0.50 3.46
CA ASP C 185 -8.18 -0.85 3.65
C ASP C 185 -8.52 -1.61 4.92
N GLN C 186 -9.34 -1.03 5.79
CA GLN C 186 -9.79 -1.69 6.97
C GLN C 186 -11.27 -1.38 7.08
N PRO C 187 -12.06 -1.92 6.14
CA PRO C 187 -13.39 -1.31 5.94
C PRO C 187 -14.41 -1.63 7.04
N CYS C 188 -15.47 -0.84 7.10
CA CYS C 188 -16.58 -1.16 8.03
C CYS C 188 -17.29 -2.42 7.53
N MET C 189 -17.72 -3.28 8.45
CA MET C 189 -18.43 -4.54 8.18
C MET C 189 -19.70 -4.24 7.38
N ALA C 190 -19.95 -4.95 6.29
CA ALA C 190 -21.21 -4.77 5.55
C ALA C 190 -21.27 -3.48 4.71
N PHE C 191 -20.15 -2.79 4.45
CA PHE C 191 -20.09 -1.60 3.60
C PHE C 191 -19.37 -1.89 2.27
N SER C 192 -19.63 -3.05 1.63
CA SER C 192 -18.89 -3.43 0.42
CA SER C 192 -18.93 -3.46 0.39
C SER C 192 -19.06 -2.39 -0.70
N LEU C 193 -20.29 -2.01 -1.06
CA LEU C 193 -20.43 -1.05 -2.22
C LEU C 193 -19.82 0.29 -1.89
N TYR C 194 -20.04 0.82 -0.67
CA TYR C 194 -19.36 2.04 -0.28
C TYR C 194 -17.83 1.90 -0.45
N ASN C 195 -17.31 0.81 0.06
CA ASN C 195 -15.84 0.58 0.04
C ASN C 195 -15.36 0.46 -1.40
N MET C 196 -16.16 -0.21 -2.25
CA MET C 196 -15.78 -0.35 -3.68
C MET C 196 -15.70 1.04 -4.34
N GLY C 197 -16.70 1.87 -4.10
CA GLY C 197 -16.77 3.25 -4.65
C GLY C 197 -15.57 4.07 -4.19
N LYS C 198 -15.17 3.96 -2.90
CA LYS C 198 -14.03 4.80 -2.43
C LYS C 198 -12.72 4.23 -2.98
N HIS C 199 -12.62 2.90 -3.20
CA HIS C 199 -11.40 2.39 -3.85
C HIS C 199 -11.33 2.86 -5.30
N ALA C 200 -12.49 2.79 -5.98
CA ALA C 200 -12.60 3.34 -7.41
C ALA C 200 -12.13 4.80 -7.44
N LEU C 201 -12.48 5.55 -6.39
CA LEU C 201 -12.09 7.00 -6.33
C LEU C 201 -10.57 7.16 -6.17
N VAL C 202 -9.92 6.31 -5.38
CA VAL C 202 -8.41 6.30 -5.38
C VAL C 202 -7.89 6.01 -6.80
N GLY C 203 -8.42 4.94 -7.44
CA GLY C 203 -8.01 4.66 -8.83
C GLY C 203 -8.18 5.89 -9.75
N LEU C 204 -9.31 6.60 -9.64
CA LEU C 204 -9.55 7.79 -10.49
C LEU C 204 -8.50 8.83 -10.12
N THR C 205 -8.21 9.01 -8.81
CA THR C 205 -7.24 10.07 -8.40
C THR C 205 -5.88 9.81 -9.07
N GLN C 206 -5.44 8.53 -9.06
CA GLN C 206 -4.13 8.19 -9.64
C GLN C 206 -4.20 8.26 -11.18
N SER C 207 -5.21 7.66 -11.79
CA SER C 207 -5.27 7.66 -13.27
C SER C 207 -5.39 9.09 -13.83
N ALA C 208 -6.27 9.90 -13.24
CA ALA C 208 -6.45 11.30 -13.69
C ALA C 208 -5.18 12.12 -13.40
N ALA C 209 -4.52 11.90 -12.23
CA ALA C 209 -3.27 12.65 -12.01
C ALA C 209 -2.32 12.36 -13.17
N LEU C 210 -2.19 11.10 -13.57
CA LEU C 210 -1.21 10.76 -14.64
C LEU C 210 -1.60 11.41 -15.97
N GLU C 211 -2.87 11.20 -16.34
CA GLU C 211 -3.42 11.60 -17.67
C GLU C 211 -3.52 13.13 -17.80
N LEU C 212 -3.79 13.86 -16.70
CA LEU C 212 -3.99 15.32 -16.82
C LEU C 212 -2.72 16.10 -16.47
N ALA C 213 -1.66 15.42 -15.99
CA ALA C 213 -0.40 16.14 -15.63
C ALA C 213 0.11 16.97 -16.83
N PRO C 214 -0.03 16.43 -18.06
CA PRO C 214 0.42 17.19 -19.26
C PRO C 214 -0.31 18.53 -19.44
N TYR C 215 -1.53 18.65 -18.92
CA TYR C 215 -2.34 19.85 -19.02
C TYR C 215 -2.11 20.78 -17.84
N GLY C 216 -1.20 20.45 -16.92
CA GLY C 216 -0.97 21.29 -15.75
C GLY C 216 -2.12 21.12 -14.76
N ILE C 217 -2.93 20.07 -14.91
CA ILE C 217 -4.02 19.87 -13.91
C ILE C 217 -3.54 18.85 -12.85
N ARG C 218 -3.47 19.24 -11.57
CA ARG C 218 -3.02 18.32 -10.50
C ARG C 218 -4.27 17.62 -9.95
N VAL C 219 -4.12 16.38 -9.50
CA VAL C 219 -5.30 15.67 -9.00
C VAL C 219 -4.88 14.97 -7.69
N ASN C 220 -5.53 15.29 -6.57
CA ASN C 220 -5.08 14.77 -5.30
C ASN C 220 -6.30 14.38 -4.48
N GLY C 221 -6.04 13.76 -3.32
CA GLY C 221 -7.10 13.34 -2.44
C GLY C 221 -6.84 13.78 -0.99
N VAL C 222 -7.95 13.91 -0.25
CA VAL C 222 -7.88 14.10 1.20
C VAL C 222 -8.74 12.99 1.80
N ALA C 223 -8.19 12.25 2.80
CA ALA C 223 -8.86 11.05 3.29
C ALA C 223 -9.13 11.25 4.78
N PRO C 224 -10.38 11.63 5.11
CA PRO C 224 -10.66 11.78 6.54
C PRO C 224 -10.81 10.40 7.18
N GLY C 225 -10.72 10.39 8.51
CA GLY C 225 -10.99 9.18 9.24
C GLY C 225 -12.38 9.26 9.81
N VAL C 226 -12.47 9.51 11.12
CA VAL C 226 -13.75 9.98 11.68
C VAL C 226 -13.68 11.52 11.70
N SER C 227 -14.59 12.12 10.96
CA SER C 227 -14.78 13.55 11.04
C SER C 227 -16.17 13.76 11.66
N LEU C 228 -16.91 14.82 11.28
CA LEU C 228 -18.39 14.94 11.66
C LEU C 228 -19.10 13.59 11.51
N LEU C 229 -19.59 13.05 12.63
CA LEU C 229 -20.24 11.71 12.63
C LEU C 229 -21.56 11.82 11.86
N PRO C 230 -22.03 10.74 11.20
CA PRO C 230 -23.39 10.76 10.60
C PRO C 230 -24.43 11.24 11.63
N VAL C 231 -25.25 12.24 11.23
CA VAL C 231 -26.27 12.92 12.06
C VAL C 231 -27.17 11.90 12.77
N ALA C 232 -27.51 10.80 12.07
CA ALA C 232 -28.38 9.72 12.61
C ALA C 232 -27.71 8.99 13.78
N MET C 233 -26.53 8.41 13.52
CA MET C 233 -25.75 7.62 14.49
C MET C 233 -25.92 8.19 15.91
N GLY C 234 -26.20 7.30 16.86
CA GLY C 234 -26.34 7.71 18.27
C GLY C 234 -25.07 8.35 18.81
N GLU C 235 -25.23 9.08 19.91
CA GLU C 235 -24.13 9.79 20.59
C GLU C 235 -23.23 8.80 21.35
N GLU C 236 -23.73 7.60 21.66
CA GLU C 236 -22.89 6.55 22.32
C GLU C 236 -21.97 5.87 21.29
N GLU C 237 -22.52 5.57 20.09
CA GLU C 237 -21.77 4.96 18.98
C GLU C 237 -20.62 5.91 18.56
N LYS C 238 -20.87 7.23 18.62
CA LYS C 238 -19.91 8.30 18.23
C LYS C 238 -18.76 8.38 19.25
N ASP C 239 -19.09 8.22 20.53
CA ASP C 239 -18.09 8.21 21.63
C ASP C 239 -17.12 7.04 21.49
N LYS C 240 -17.65 5.86 21.13
CA LYS C 240 -16.87 4.63 20.90
C LYS C 240 -15.74 4.90 19.89
N TRP C 241 -16.10 5.53 18.77
CA TRP C 241 -15.17 5.91 17.68
C TRP C 241 -14.14 6.95 18.15
N ARG C 242 -14.59 8.02 18.82
CA ARG C 242 -13.65 9.08 19.24
C ARG C 242 -12.55 8.47 20.11
N ARG C 243 -12.91 7.52 20.98
CA ARG C 243 -11.96 6.93 21.94
C ARG C 243 -10.84 6.13 21.20
N LYS C 244 -11.06 5.78 19.93
CA LYS C 244 -10.10 4.91 19.18
C LYS C 244 -8.99 5.78 18.57
N VAL C 245 -9.25 7.07 18.45
CA VAL C 245 -8.35 7.99 17.70
C VAL C 245 -7.11 8.33 18.54
N PRO C 246 -5.89 8.00 18.07
CA PRO C 246 -4.68 8.35 18.86
C PRO C 246 -4.51 9.83 19.21
N LEU C 247 -4.71 10.73 18.26
CA LEU C 247 -4.51 12.14 18.48
C LEU C 247 -5.76 12.77 19.14
N GLY C 248 -5.85 12.71 20.47
CA GLY C 248 -6.86 13.56 21.21
C GLY C 248 -8.22 12.91 21.32
N ARG C 249 -8.28 11.59 21.11
CA ARG C 249 -9.54 10.82 21.25
C ARG C 249 -10.75 11.69 20.91
N ARG C 250 -10.76 12.25 19.70
CA ARG C 250 -11.88 13.08 19.17
C ARG C 250 -11.89 12.96 17.65
N GLU C 251 -13.03 13.36 17.06
CA GLU C 251 -13.12 13.46 15.56
C GLU C 251 -12.46 14.75 15.05
N ALA C 252 -12.10 14.70 13.76
CA ALA C 252 -11.65 15.90 13.04
C ALA C 252 -12.85 16.85 12.98
N SER C 253 -12.60 18.12 13.18
CA SER C 253 -13.61 19.09 12.72
C SER C 253 -13.63 19.10 11.18
N ALA C 254 -14.73 19.59 10.60
CA ALA C 254 -14.78 19.81 9.13
C ALA C 254 -13.67 20.78 8.71
N GLU C 255 -13.36 21.76 9.57
CA GLU C 255 -12.38 22.77 9.14
CA GLU C 255 -12.37 22.79 9.17
C GLU C 255 -10.98 22.15 8.98
N GLN C 256 -10.68 21.15 9.77
CA GLN C 256 -9.35 20.42 9.68
C GLN C 256 -9.27 19.70 8.34
N ILE C 257 -10.39 19.11 7.91
CA ILE C 257 -10.45 18.51 6.52
C ILE C 257 -10.21 19.60 5.48
N ALA C 258 -10.96 20.69 5.64
CA ALA C 258 -10.86 21.86 4.69
C ALA C 258 -9.44 22.40 4.60
N ASP C 259 -8.76 22.46 5.76
CA ASP C 259 -7.29 22.91 5.79
C ASP C 259 -6.40 22.11 4.82
N ALA C 260 -6.59 20.79 4.75
CA ALA C 260 -5.79 19.97 3.83
C ALA C 260 -6.18 20.22 2.36
N VAL C 261 -7.47 20.37 2.12
CA VAL C 261 -7.93 20.79 0.75
C VAL C 261 -7.25 22.11 0.37
N ILE C 262 -7.32 23.12 1.23
CA ILE C 262 -6.72 24.46 0.95
C ILE C 262 -5.22 24.30 0.61
N PHE C 263 -4.49 23.51 1.40
CA PHE C 263 -3.07 23.27 1.07
C PHE C 263 -2.95 22.72 -0.36
N LEU C 264 -3.72 21.66 -0.69
CA LEU C 264 -3.49 20.99 -1.98
C LEU C 264 -3.86 21.90 -3.16
N VAL C 265 -4.81 22.85 -3.00
CA VAL C 265 -5.11 23.75 -4.14
C VAL C 265 -4.08 24.92 -4.23
N SER C 266 -3.30 25.13 -3.20
CA SER C 266 -2.44 26.31 -3.07
C SER C 266 -1.19 26.20 -3.93
N GLY C 267 -0.48 27.35 -4.04
CA GLY C 267 0.83 27.40 -4.65
C GLY C 267 1.87 26.60 -3.87
N SER C 268 1.66 26.30 -2.59
CA SER C 268 2.58 25.42 -1.78
C SER C 268 2.51 23.94 -2.18
N ALA C 269 1.59 23.54 -3.09
CA ALA C 269 1.43 22.11 -3.49
C ALA C 269 1.62 21.97 -5.00
N GLN C 270 2.36 22.91 -5.57
CA GLN C 270 2.37 22.97 -7.07
C GLN C 270 3.11 21.78 -7.69
N TYR C 271 3.88 21.01 -6.92
CA TYR C 271 4.52 19.83 -7.49
C TYR C 271 3.80 18.54 -7.06
N ILE C 272 2.73 18.67 -6.29
CA ILE C 272 2.05 17.47 -5.74
C ILE C 272 0.91 17.05 -6.68
N THR C 273 0.93 15.80 -7.18
CA THR C 273 -0.20 15.26 -7.90
C THR C 273 -0.18 13.73 -7.69
N GLY C 274 -1.37 13.16 -7.56
CA GLY C 274 -1.53 11.75 -7.30
C GLY C 274 -1.35 11.41 -5.84
N SER C 275 -1.38 12.40 -4.92
CA SER C 275 -1.11 12.14 -3.52
C SER C 275 -2.43 12.15 -2.79
N ILE C 276 -2.57 11.30 -1.78
CA ILE C 276 -3.76 11.31 -0.95
C ILE C 276 -3.27 11.59 0.48
N ILE C 277 -3.71 12.72 1.11
CA ILE C 277 -3.29 13.06 2.43
C ILE C 277 -4.31 12.53 3.44
N LYS C 278 -3.89 11.67 4.35
CA LYS C 278 -4.81 11.23 5.39
C LYS C 278 -4.93 12.31 6.44
N VAL C 279 -6.16 12.53 6.91
CA VAL C 279 -6.44 13.48 7.96
C VAL C 279 -7.32 12.74 8.96
N ASP C 280 -6.70 11.89 9.77
CA ASP C 280 -7.48 10.88 10.52
C ASP C 280 -6.98 10.77 11.94
N GLY C 281 -6.11 11.69 12.32
CA GLY C 281 -5.60 11.65 13.76
C GLY C 281 -4.92 10.34 14.13
N GLY C 282 -4.40 9.58 13.14
CA GLY C 282 -3.73 8.33 13.38
C GLY C 282 -4.64 7.10 13.39
N LEU C 283 -5.95 7.28 13.18
CA LEU C 283 -6.91 6.17 13.39
C LEU C 283 -6.56 4.94 12.53
N SER C 284 -6.10 5.16 11.28
CA SER C 284 -5.84 4.06 10.36
C SER C 284 -4.60 3.24 10.79
N LEU C 285 -3.78 3.75 11.70
CA LEU C 285 -2.59 3.02 12.24
C LEU C 285 -2.98 2.04 13.37
N VAL C 286 -4.22 2.08 13.86
CA VAL C 286 -4.57 1.36 15.11
C VAL C 286 -5.00 -0.09 14.78
N HIS C 287 -4.33 -1.10 15.33
CA HIS C 287 -4.74 -2.50 15.01
C HIS C 287 -6.00 -2.85 15.80
N ALA C 288 -6.63 -3.93 15.36
CA ALA C 288 -7.89 -4.44 15.92
C ALA C 288 -7.73 -4.73 17.42
N GLU D 22 10.39 33.28 22.91
CA GLU D 22 8.93 33.05 22.67
C GLU D 22 8.71 32.47 21.25
N ALA D 23 9.67 32.62 20.33
CA ALA D 23 9.59 31.95 19.02
C ALA D 23 9.78 30.43 19.23
N PRO D 24 9.00 29.58 18.53
CA PRO D 24 9.39 28.13 18.62
C PRO D 24 10.77 27.80 18.00
N ALA D 25 11.29 26.57 18.26
CA ALA D 25 12.63 26.19 17.74
C ALA D 25 12.51 24.84 17.00
N ALA D 26 13.34 24.65 15.98
CA ALA D 26 13.32 23.40 15.15
C ALA D 26 14.77 22.91 14.99
N VAL D 27 14.98 21.59 14.97
CA VAL D 27 16.25 20.99 14.53
C VAL D 27 16.04 20.49 13.10
N VAL D 28 16.93 20.80 12.19
CA VAL D 28 16.89 20.21 10.87
C VAL D 28 18.21 19.47 10.65
N THR D 29 18.18 18.14 10.34
CA THR D 29 19.49 17.41 10.19
C THR D 29 19.92 17.56 8.74
N GLY D 30 21.24 17.53 8.50
CA GLY D 30 21.75 17.71 7.12
C GLY D 30 21.22 19.01 6.49
N ALA D 31 21.27 20.13 7.25
CA ALA D 31 20.59 21.41 6.83
C ALA D 31 21.59 22.39 6.16
N ALA D 32 22.83 21.98 5.95
CA ALA D 32 23.83 22.94 5.35
C ALA D 32 23.54 23.17 3.88
N LYS D 33 22.98 22.20 3.19
CA LYS D 33 22.88 22.37 1.76
C LYS D 33 21.52 21.82 1.27
N ARG D 34 21.18 22.11 0.00
CA ARG D 34 20.11 21.39 -0.75
C ARG D 34 18.78 21.43 0.01
N ILE D 35 18.15 20.26 0.25
CA ILE D 35 16.75 20.32 0.66
C ILE D 35 16.72 20.71 2.13
N GLY D 36 17.66 20.18 2.91
CA GLY D 36 17.66 20.56 4.37
C GLY D 36 17.86 22.07 4.57
N ARG D 37 18.68 22.66 3.73
CA ARG D 37 18.91 24.15 3.78
C ARG D 37 17.59 24.90 3.48
N ALA D 38 16.88 24.47 2.42
CA ALA D 38 15.59 25.08 2.04
C ALA D 38 14.60 24.92 3.17
N ILE D 39 14.61 23.76 3.88
CA ILE D 39 13.69 23.58 4.98
C ILE D 39 14.09 24.50 6.14
N ALA D 40 15.41 24.62 6.44
CA ALA D 40 15.83 25.50 7.57
C ALA D 40 15.41 26.97 7.24
N VAL D 41 15.64 27.38 6.01
CA VAL D 41 15.35 28.75 5.59
C VAL D 41 13.86 29.03 5.71
N LYS D 42 13.02 28.07 5.26
CA LYS D 42 11.62 28.32 5.22
C LYS D 42 11.09 28.26 6.66
N LEU D 43 11.56 27.32 7.51
CA LEU D 43 11.16 27.37 8.92
C LEU D 43 11.53 28.76 9.53
N HIS D 44 12.73 29.21 9.22
CA HIS D 44 13.21 30.54 9.84
C HIS D 44 12.30 31.70 9.38
N GLN D 45 11.96 31.70 8.09
CA GLN D 45 11.02 32.69 7.50
C GLN D 45 9.64 32.63 8.17
N THR D 46 9.25 31.48 8.67
CA THR D 46 7.99 31.28 9.29
C THR D 46 8.02 31.74 10.75
N GLY D 47 9.18 32.06 11.31
CA GLY D 47 9.18 32.46 12.72
C GLY D 47 10.06 31.59 13.62
N TYR D 48 10.59 30.47 13.09
CA TYR D 48 11.27 29.50 13.99
C TYR D 48 12.72 29.95 14.21
N ARG D 49 13.21 29.65 15.39
CA ARG D 49 14.69 29.56 15.61
C ARG D 49 15.18 28.16 15.17
N VAL D 50 16.40 28.05 14.65
CA VAL D 50 16.81 26.77 14.00
C VAL D 50 18.18 26.30 14.50
N VAL D 51 18.30 24.96 14.69
CA VAL D 51 19.58 24.28 14.79
C VAL D 51 19.85 23.69 13.42
N ILE D 52 20.96 24.13 12.83
CA ILE D 52 21.43 23.62 11.58
C ILE D 52 22.43 22.51 11.87
N HIS D 53 21.98 21.22 11.81
CA HIS D 53 22.89 20.07 11.96
C HIS D 53 23.67 19.87 10.65
N TYR D 54 24.96 19.53 10.77
CA TYR D 54 25.79 19.19 9.60
C TYR D 54 26.83 18.13 10.02
N HIS D 55 27.40 17.46 9.03
CA HIS D 55 28.41 16.46 9.33
C HIS D 55 29.75 17.00 8.80
N ASN D 56 29.87 17.06 7.49
CA ASN D 56 31.10 17.55 6.84
C ASN D 56 30.97 19.01 6.37
N SER D 57 29.77 19.55 6.18
CA SER D 57 29.68 20.82 5.40
C SER D 57 29.77 22.01 6.37
N ALA D 58 30.94 22.17 6.99
CA ALA D 58 31.07 23.14 8.09
C ALA D 58 30.97 24.57 7.54
N GLU D 59 31.66 24.87 6.44
CA GLU D 59 31.64 26.24 5.89
C GLU D 59 30.19 26.61 5.49
N ALA D 60 29.47 25.72 4.79
CA ALA D 60 28.09 26.02 4.34
C ALA D 60 27.15 26.17 5.54
N ALA D 61 27.35 25.35 6.59
CA ALA D 61 26.47 25.41 7.78
C ALA D 61 26.62 26.79 8.48
N VAL D 62 27.87 27.20 8.68
CA VAL D 62 28.20 28.49 9.38
C VAL D 62 27.74 29.69 8.53
N SER D 63 27.94 29.58 7.25
CA SER D 63 27.46 30.61 6.32
C SER D 63 25.92 30.76 6.40
N LEU D 64 25.18 29.63 6.48
CA LEU D 64 23.71 29.74 6.56
C LEU D 64 23.30 30.35 7.90
N ALA D 65 23.92 29.92 9.01
CA ALA D 65 23.52 30.44 10.31
C ALA D 65 23.82 31.95 10.37
N ASP D 66 24.92 32.37 9.74
CA ASP D 66 25.29 33.82 9.65
C ASP D 66 24.21 34.64 8.91
N GLU D 67 23.75 34.08 7.80
CA GLU D 67 22.69 34.71 6.98
C GLU D 67 21.37 34.76 7.77
N LEU D 68 21.03 33.73 8.56
CA LEU D 68 19.77 33.79 9.30
C LEU D 68 19.87 34.76 10.49
N ASN D 69 21.05 34.79 11.09
CA ASN D 69 21.27 35.63 12.30
C ASN D 69 21.32 37.11 11.89
N LYS D 70 21.83 37.39 10.69
CA LYS D 70 21.81 38.78 10.16
C LYS D 70 20.35 39.21 9.99
N GLU D 71 19.43 38.30 9.63
CA GLU D 71 18.01 38.61 9.51
C GLU D 71 17.34 38.77 10.89
N ARG D 72 17.55 37.87 11.87
CA ARG D 72 17.03 38.09 13.23
C ARG D 72 18.07 37.57 14.21
N SER D 73 18.68 38.44 14.99
CA SER D 73 19.85 37.98 15.74
C SER D 73 19.47 36.85 16.72
N ASN D 74 20.41 35.92 16.96
CA ASN D 74 20.23 34.89 18.01
C ASN D 74 19.10 33.91 17.60
N THR D 75 19.00 33.62 16.31
CA THR D 75 17.85 32.74 15.88
C THR D 75 18.37 31.45 15.22
N ALA D 76 19.69 31.27 15.11
CA ALA D 76 20.29 30.14 14.40
C ALA D 76 21.58 29.69 15.10
N VAL D 77 21.75 28.37 15.25
CA VAL D 77 23.07 27.83 15.64
C VAL D 77 23.40 26.65 14.73
N VAL D 78 24.68 26.21 14.70
CA VAL D 78 25.05 24.96 14.06
C VAL D 78 25.35 23.87 15.11
N CYS D 79 25.30 22.59 14.66
CA CYS D 79 25.60 21.49 15.57
C CYS D 79 26.21 20.39 14.72
N GLN D 80 27.46 19.99 14.97
CA GLN D 80 28.10 19.02 14.12
C GLN D 80 27.88 17.60 14.68
N ALA D 81 27.52 16.63 13.81
CA ALA D 81 27.48 15.22 14.26
C ALA D 81 27.45 14.28 13.07
N ASP D 82 28.11 13.13 13.28
CA ASP D 82 28.10 12.01 12.35
C ASP D 82 26.92 11.17 12.74
N LEU D 83 26.07 10.82 11.75
CA LEU D 83 24.82 10.03 12.06
C LEU D 83 24.94 8.56 11.61
N THR D 84 26.17 8.12 11.33
CA THR D 84 26.45 6.74 11.04
C THR D 84 26.13 5.95 12.30
N ASN D 85 25.60 4.72 12.14
CA ASN D 85 25.28 3.87 13.29
C ASN D 85 26.60 3.48 14.02
N SER D 86 26.56 3.50 15.35
CA SER D 86 27.71 3.01 16.19
C SER D 86 27.21 2.99 17.63
N ASN D 87 28.03 2.53 18.57
CA ASN D 87 27.57 2.56 19.96
C ASN D 87 27.53 3.98 20.55
N VAL D 88 28.11 4.96 19.86
CA VAL D 88 27.97 6.34 20.39
CA VAL D 88 28.04 6.36 20.31
C VAL D 88 26.90 7.13 19.59
N LEU D 89 26.22 6.51 18.61
CA LEU D 89 25.13 7.31 17.91
C LEU D 89 24.05 7.80 18.88
N PRO D 90 23.70 7.03 19.90
CA PRO D 90 22.62 7.59 20.73
C PRO D 90 23.05 8.88 21.46
N ALA D 91 24.33 8.95 21.86
CA ALA D 91 24.84 10.15 22.56
C ALA D 91 24.89 11.31 21.55
N SER D 92 25.27 11.08 20.29
CA SER D 92 25.32 12.16 19.31
C SER D 92 23.92 12.70 19.07
N CYS D 93 22.93 11.79 19.01
CA CYS D 93 21.55 12.25 18.75
C CYS D 93 21.01 12.98 19.96
N GLU D 94 21.32 12.48 21.17
CA GLU D 94 20.94 13.21 22.38
C GLU D 94 21.55 14.64 22.35
N GLU D 95 22.80 14.77 21.89
CA GLU D 95 23.50 16.08 21.84
C GLU D 95 22.84 17.05 20.85
N ILE D 96 22.39 16.55 19.69
CA ILE D 96 21.70 17.38 18.70
C ILE D 96 20.46 17.98 19.36
N ILE D 97 19.65 17.18 20.01
CA ILE D 97 18.46 17.69 20.64
C ILE D 97 18.90 18.66 21.75
N ASN D 98 19.89 18.26 22.55
CA ASN D 98 20.30 19.08 23.72
C ASN D 98 20.78 20.44 23.21
N SER D 99 21.40 20.50 22.04
CA SER D 99 21.89 21.78 21.55
C SER D 99 20.72 22.77 21.25
N CYS D 100 19.56 22.26 20.84
CA CYS D 100 18.39 23.08 20.62
C CYS D 100 17.93 23.65 21.96
N PHE D 101 17.91 22.81 22.96
CA PHE D 101 17.43 23.29 24.27
C PHE D 101 18.44 24.30 24.87
N ARG D 102 19.73 24.07 24.64
CA ARG D 102 20.79 24.95 25.19
C ARG D 102 20.67 26.34 24.54
N ALA D 103 20.57 26.39 23.22
CA ALA D 103 20.45 27.66 22.50
C ALA D 103 19.09 28.33 22.74
N PHE D 104 17.95 27.59 22.82
CA PHE D 104 16.65 28.24 22.65
C PHE D 104 15.68 27.96 23.79
N GLY D 105 16.00 27.02 24.70
CA GLY D 105 15.18 26.72 25.88
C GLY D 105 14.00 25.82 25.54
N ARG D 106 13.89 25.42 24.25
CA ARG D 106 12.75 24.52 23.86
C ARG D 106 13.09 23.83 22.54
N CYS D 107 12.29 22.84 22.17
CA CYS D 107 12.54 22.23 20.85
C CYS D 107 11.16 21.77 20.33
N ASP D 108 10.63 22.46 19.33
CA ASP D 108 9.20 22.18 18.94
C ASP D 108 9.08 21.24 17.74
N VAL D 109 10.09 21.24 16.90
CA VAL D 109 10.01 20.55 15.63
C VAL D 109 11.34 19.83 15.39
N LEU D 110 11.29 18.53 15.04
CA LEU D 110 12.50 17.78 14.50
C LEU D 110 12.22 17.49 13.03
N VAL D 111 13.15 17.87 12.15
CA VAL D 111 13.09 17.44 10.75
C VAL D 111 14.23 16.46 10.48
N ASN D 112 13.91 15.17 10.19
CA ASN D 112 14.97 14.13 9.92
C ASN D 112 15.20 14.11 8.42
N ASN D 113 16.14 14.91 7.96
CA ASN D 113 16.41 15.16 6.56
C ASN D 113 17.76 14.50 6.15
N ALA D 114 18.79 14.41 7.04
CA ALA D 114 20.13 13.84 6.66
C ALA D 114 19.99 12.43 6.07
N SER D 115 20.82 12.11 5.10
CA SER D 115 20.66 10.82 4.42
C SER D 115 21.92 10.46 3.64
N ALA D 116 22.39 9.22 3.76
CA ALA D 116 23.40 8.66 2.88
C ALA D 116 22.69 7.95 1.73
N PHE D 117 23.29 7.99 0.54
CA PHE D 117 22.66 7.46 -0.61
C PHE D 117 23.74 7.02 -1.61
N TYR D 118 23.88 5.73 -1.84
CA TYR D 118 24.82 5.20 -2.83
C TYR D 118 24.46 3.72 -3.03
N PRO D 119 24.87 3.15 -4.13
CA PRO D 119 24.53 1.78 -4.42
C PRO D 119 25.31 0.77 -3.58
N THR D 120 24.66 -0.37 -3.28
CA THR D 120 25.21 -1.48 -2.52
C THR D 120 24.76 -2.76 -3.22
N PRO D 121 25.40 -3.12 -4.37
CA PRO D 121 24.95 -4.28 -5.21
C PRO D 121 25.03 -5.56 -4.38
N LEU D 122 24.06 -6.48 -4.60
CA LEU D 122 24.05 -7.80 -3.90
C LEU D 122 25.11 -8.75 -4.47
N VAL D 123 25.45 -8.62 -5.77
CA VAL D 123 26.48 -9.55 -6.39
C VAL D 123 27.64 -8.71 -6.95
N LYS D 134 34.50 0.74 0.89
CA LYS D 134 33.92 0.59 2.22
C LYS D 134 33.54 -0.88 2.44
N THR D 135 33.74 -1.37 3.65
CA THR D 135 33.32 -2.70 3.98
C THR D 135 31.78 -2.71 4.04
N VAL D 136 31.24 -3.91 3.97
CA VAL D 136 29.78 -4.00 3.99
C VAL D 136 29.31 -3.52 5.37
N GLU D 137 30.06 -3.77 6.46
CA GLU D 137 29.47 -3.33 7.73
CA GLU D 137 29.67 -3.32 7.82
C GLU D 137 29.50 -1.80 7.83
N THR D 138 30.38 -1.11 7.12
CA THR D 138 30.34 0.38 7.09
C THR D 138 29.15 0.86 6.23
N GLN D 139 28.90 0.21 5.09
CA GLN D 139 27.71 0.49 4.26
C GLN D 139 26.42 0.37 5.09
N VAL D 140 26.34 -0.68 5.86
CA VAL D 140 25.15 -0.87 6.68
C VAL D 140 25.07 0.28 7.70
N ALA D 141 26.18 0.53 8.38
CA ALA D 141 26.20 1.57 9.44
C ALA D 141 25.81 2.92 8.85
N GLU D 142 26.25 3.24 7.64
CA GLU D 142 25.96 4.55 7.09
C GLU D 142 24.56 4.64 6.50
N LEU D 143 24.12 3.65 5.72
CA LEU D 143 22.85 3.77 5.03
C LEU D 143 21.70 3.49 6.03
N ILE D 144 21.82 2.48 6.89
CA ILE D 144 20.75 2.21 7.86
C ILE D 144 20.86 3.22 9.01
N GLY D 145 22.07 3.55 9.44
CA GLY D 145 22.23 4.60 10.53
C GLY D 145 21.65 5.95 10.15
N THR D 146 22.05 6.54 9.00
CA THR D 146 21.58 7.91 8.72
C THR D 146 20.09 7.93 8.36
N ASN D 147 19.61 6.90 7.62
CA ASN D 147 18.25 6.92 7.06
C ASN D 147 17.20 6.43 8.07
N ALA D 148 17.64 5.69 9.07
CA ALA D 148 16.64 5.05 9.95
C ALA D 148 17.03 5.12 11.42
N ILE D 149 18.20 4.62 11.80
CA ILE D 149 18.55 4.51 13.27
CA ILE D 149 18.52 4.50 13.27
C ILE D 149 18.67 5.92 13.86
N ALA D 150 19.36 6.78 13.15
CA ALA D 150 19.50 8.16 13.68
C ALA D 150 18.14 8.85 13.84
N PRO D 151 17.28 8.73 12.81
CA PRO D 151 15.91 9.28 13.06
C PRO D 151 15.22 8.71 14.31
N PHE D 152 15.33 7.39 14.51
CA PHE D 152 14.70 6.75 15.68
C PHE D 152 15.26 7.35 16.99
N LEU D 153 16.59 7.41 17.08
CA LEU D 153 17.23 7.96 18.32
C LEU D 153 16.94 9.45 18.52
N LEU D 154 16.96 10.23 17.46
CA LEU D 154 16.56 11.67 17.55
C LEU D 154 15.11 11.80 17.99
N THR D 155 14.22 10.89 17.52
CA THR D 155 12.82 10.88 17.90
C THR D 155 12.74 10.57 19.40
N MET D 156 13.51 9.56 19.87
CA MET D 156 13.49 9.16 21.32
CA MET D 156 13.47 9.17 21.30
C MET D 156 13.96 10.34 22.16
N SER D 157 15.07 10.95 21.76
CA SER D 157 15.65 12.12 22.55
C SER D 157 14.69 13.31 22.53
N PHE D 158 14.12 13.65 21.36
CA PHE D 158 13.07 14.69 21.22
C PHE D 158 11.90 14.45 22.19
N ALA D 159 11.37 13.23 22.21
CA ALA D 159 10.18 12.95 23.00
C ALA D 159 10.55 12.97 24.49
N GLN D 160 11.72 12.44 24.82
CA GLN D 160 12.09 12.28 26.24
C GLN D 160 12.34 13.67 26.83
N ARG D 161 12.82 14.61 26.03
CA ARG D 161 13.10 15.98 26.55
C ARG D 161 11.82 16.80 26.70
N GLN D 162 10.68 16.38 26.14
CA GLN D 162 9.49 17.21 26.20
C GLN D 162 8.84 17.05 27.58
N ASN D 173 2.42 22.88 19.82
CA ASN D 173 2.33 22.19 18.49
C ASN D 173 3.65 21.49 18.16
N LEU D 174 3.87 20.33 18.78
CA LEU D 174 5.13 19.63 18.61
C LEU D 174 5.00 18.70 17.41
N SER D 175 6.04 18.63 16.60
CA SER D 175 5.88 17.60 15.53
C SER D 175 7.24 17.22 14.95
N ILE D 176 7.24 16.04 14.31
CA ILE D 176 8.44 15.52 13.69
C ILE D 176 8.10 15.30 12.23
N VAL D 177 9.02 15.62 11.34
CA VAL D 177 8.78 15.31 9.92
C VAL D 177 10.00 14.52 9.43
N ASN D 178 9.78 13.34 8.82
CA ASN D 178 10.82 12.46 8.27
C ASN D 178 10.82 12.64 6.76
N LEU D 179 12.00 12.79 6.15
CA LEU D 179 12.10 12.82 4.68
C LEU D 179 12.28 11.38 4.20
N CYS D 180 11.23 10.93 3.51
CA CYS D 180 11.00 9.57 3.06
C CYS D 180 11.36 9.54 1.57
N ASP D 181 10.83 8.57 0.83
CA ASP D 181 11.19 8.51 -0.60
C ASP D 181 9.97 7.98 -1.34
N ALA D 182 9.48 8.76 -2.33
CA ALA D 182 8.22 8.36 -3.03
C ALA D 182 8.42 7.07 -3.81
N MET D 183 9.66 6.74 -4.14
CA MET D 183 9.90 5.58 -5.03
C MET D 183 10.28 4.31 -4.22
N VAL D 184 9.86 4.23 -2.99
CA VAL D 184 10.37 3.18 -2.10
C VAL D 184 9.84 1.80 -2.54
N ASP D 185 8.69 1.77 -3.22
CA ASP D 185 8.16 0.51 -3.77
C ASP D 185 8.51 0.22 -5.20
N GLN D 186 9.29 1.12 -5.83
CA GLN D 186 9.77 0.94 -7.20
C GLN D 186 11.25 1.32 -7.18
N PRO D 187 12.03 0.54 -6.48
CA PRO D 187 13.35 1.04 -6.10
C PRO D 187 14.37 1.08 -7.24
N CYS D 188 15.37 1.93 -7.09
CA CYS D 188 16.57 1.91 -8.00
C CYS D 188 17.33 0.58 -7.89
N MET D 189 17.73 0.04 -9.04
CA MET D 189 18.50 -1.22 -9.10
C MET D 189 19.77 -1.09 -8.23
N ALA D 190 20.07 -2.06 -7.36
CA ALA D 190 21.35 -2.11 -6.58
C ALA D 190 21.39 -1.12 -5.41
N PHE D 191 20.23 -0.60 -4.98
CA PHE D 191 20.14 0.29 -3.82
C PHE D 191 19.43 -0.41 -2.65
N SER D 192 19.64 -1.72 -2.44
CA SER D 192 18.87 -2.45 -1.41
CA SER D 192 18.97 -2.52 -1.39
C SER D 192 19.07 -1.84 -0.02
N LEU D 193 20.30 -1.54 0.45
CA LEU D 193 20.43 -0.97 1.84
C LEU D 193 19.76 0.41 1.97
N TYR D 194 19.97 1.34 1.01
CA TYR D 194 19.27 2.62 1.02
C TYR D 194 17.75 2.39 1.12
N ASN D 195 17.26 1.46 0.27
CA ASN D 195 15.80 1.22 0.19
C ASN D 195 15.29 0.64 1.52
N MET D 196 16.06 -0.28 2.08
CA MET D 196 15.74 -0.85 3.40
C MET D 196 15.67 0.27 4.45
N GLY D 197 16.65 1.16 4.45
CA GLY D 197 16.62 2.27 5.46
C GLY D 197 15.37 3.16 5.27
N LYS D 198 15.01 3.54 4.04
CA LYS D 198 13.82 4.37 3.79
C LYS D 198 12.55 3.62 4.15
N HIS D 199 12.48 2.32 3.87
CA HIS D 199 11.25 1.58 4.33
C HIS D 199 11.16 1.59 5.86
N ALA D 200 12.34 1.38 6.46
CA ALA D 200 12.40 1.43 7.96
C ALA D 200 11.91 2.80 8.48
N LEU D 201 12.23 3.84 7.73
CA LEU D 201 11.79 5.22 8.13
C LEU D 201 10.26 5.38 8.02
N VAL D 202 9.62 4.70 7.04
CA VAL D 202 8.12 4.67 7.00
C VAL D 202 7.64 3.97 8.26
N GLY D 203 8.23 2.83 8.58
CA GLY D 203 7.78 2.15 9.79
C GLY D 203 7.95 2.97 11.06
N LEU D 204 9.07 3.69 11.18
CA LEU D 204 9.24 4.64 12.32
C LEU D 204 8.14 5.74 12.27
N THR D 205 7.88 6.40 11.11
CA THR D 205 6.82 7.44 11.05
C THR D 205 5.53 6.88 11.67
N GLN D 206 5.11 5.67 11.23
CA GLN D 206 3.85 5.07 11.71
C GLN D 206 3.96 4.75 13.21
N SER D 207 5.01 4.03 13.60
CA SER D 207 5.08 3.56 14.99
C SER D 207 5.18 4.76 15.93
N ALA D 208 6.04 5.72 15.60
CA ALA D 208 6.17 6.89 16.52
C ALA D 208 4.87 7.73 16.50
N ALA D 209 4.20 7.86 15.33
CA ALA D 209 2.93 8.67 15.32
C ALA D 209 1.97 8.02 16.34
N LEU D 210 1.90 6.70 16.31
CA LEU D 210 0.98 6.01 17.22
C LEU D 210 1.41 6.18 18.68
N GLU D 211 2.68 5.97 18.96
CA GLU D 211 3.13 5.95 20.39
C GLU D 211 3.21 7.38 20.98
N LEU D 212 3.50 8.39 20.16
CA LEU D 212 3.65 9.77 20.68
C LEU D 212 2.37 10.64 20.62
N ALA D 213 1.32 10.16 19.95
CA ALA D 213 0.01 10.86 19.89
C ALA D 213 -0.49 11.28 21.30
N PRO D 214 -0.45 10.37 22.27
CA PRO D 214 -0.91 10.82 23.63
C PRO D 214 -0.04 11.91 24.26
N TYR D 215 1.16 12.19 23.75
CA TYR D 215 1.89 13.39 24.25
C TYR D 215 1.63 14.63 23.38
N GLY D 216 0.80 14.53 22.35
CA GLY D 216 0.54 15.69 21.48
C GLY D 216 1.67 15.89 20.48
N ILE D 217 2.46 14.84 20.24
CA ILE D 217 3.54 15.03 19.25
C ILE D 217 3.06 14.34 17.97
N ARG D 218 3.06 15.05 16.85
CA ARG D 218 2.58 14.46 15.59
C ARG D 218 3.83 13.99 14.83
N VAL D 219 3.69 12.92 14.04
CA VAL D 219 4.89 12.47 13.34
C VAL D 219 4.42 12.21 11.88
N ASN D 220 5.07 12.81 10.90
CA ASN D 220 4.55 12.62 9.51
C ASN D 220 5.76 12.59 8.59
N GLY D 221 5.55 12.28 7.33
CA GLY D 221 6.69 12.31 6.43
C GLY D 221 6.40 13.10 5.16
N VAL D 222 7.46 13.45 4.43
CA VAL D 222 7.37 14.08 3.10
C VAL D 222 8.26 13.20 2.22
N ALA D 223 7.72 12.78 1.06
CA ALA D 223 8.40 11.79 0.21
C ALA D 223 8.62 12.41 -1.18
N PRO D 224 9.84 12.94 -1.42
CA PRO D 224 10.17 13.51 -2.74
C PRO D 224 10.30 12.36 -3.74
N GLY D 225 10.10 12.66 -5.04
CA GLY D 225 10.42 11.72 -6.04
C GLY D 225 11.81 12.06 -6.55
N VAL D 226 11.90 12.78 -7.65
CA VAL D 226 13.16 13.38 -8.02
C VAL D 226 13.08 14.89 -7.71
N SER D 227 14.00 15.33 -6.86
CA SER D 227 14.17 16.71 -6.50
C SER D 227 15.61 17.01 -6.94
N LEU D 228 16.38 17.74 -6.14
CA LEU D 228 17.74 18.15 -6.60
C LEU D 228 18.57 16.90 -6.86
N LEU D 229 19.04 16.79 -8.09
CA LEU D 229 19.72 15.57 -8.48
C LEU D 229 21.14 15.57 -7.91
N PRO D 230 21.74 14.35 -7.76
CA PRO D 230 23.07 14.21 -7.15
C PRO D 230 24.07 15.09 -7.90
N VAL D 231 24.86 15.83 -7.14
CA VAL D 231 26.00 16.64 -7.62
C VAL D 231 26.87 15.82 -8.59
N ALA D 232 27.14 14.55 -8.25
CA ALA D 232 27.97 13.66 -9.08
C ALA D 232 27.36 13.41 -10.48
N MET D 233 26.09 13.75 -10.69
CA MET D 233 25.39 13.20 -11.86
C MET D 233 25.60 14.08 -13.12
N GLY D 234 25.85 13.47 -14.27
CA GLY D 234 26.00 14.21 -15.53
C GLY D 234 24.69 14.71 -16.09
N GLU D 235 24.78 15.63 -17.07
CA GLU D 235 23.63 16.43 -17.55
C GLU D 235 22.67 15.57 -18.37
N GLU D 236 23.17 14.67 -19.22
CA GLU D 236 22.30 13.76 -20.02
C GLU D 236 21.51 12.85 -19.07
N GLU D 237 22.15 12.34 -18.02
CA GLU D 237 21.49 11.47 -17.06
C GLU D 237 20.44 12.27 -16.24
N LYS D 238 20.77 13.49 -15.85
CA LYS D 238 19.80 14.35 -15.14
C LYS D 238 18.53 14.54 -16.02
N ASP D 239 18.73 14.80 -17.30
CA ASP D 239 17.61 15.01 -18.21
C ASP D 239 16.74 13.76 -18.32
N LYS D 240 17.42 12.61 -18.36
CA LYS D 240 16.77 11.29 -18.48
C LYS D 240 15.71 11.16 -17.34
N TRP D 241 16.12 11.51 -16.11
CA TRP D 241 15.18 11.51 -14.96
C TRP D 241 14.10 12.59 -15.09
N ARG D 242 14.51 13.77 -15.56
CA ARG D 242 13.54 14.90 -15.69
C ARG D 242 12.39 14.50 -16.62
N ARG D 243 12.75 13.77 -17.67
CA ARG D 243 11.77 13.40 -18.71
C ARG D 243 10.73 12.38 -18.22
N LYS D 244 10.99 11.69 -17.10
CA LYS D 244 10.05 10.65 -16.60
C LYS D 244 8.93 11.30 -15.77
N VAL D 245 9.13 12.53 -15.31
CA VAL D 245 8.14 13.19 -14.38
C VAL D 245 6.89 13.71 -15.15
N PRO D 246 5.68 13.16 -14.89
CA PRO D 246 4.46 13.63 -15.61
C PRO D 246 4.22 15.14 -15.47
N LEU D 247 4.34 15.68 -14.25
CA LEU D 247 3.95 17.10 -14.02
C LEU D 247 5.13 18.02 -14.36
N GLY D 248 5.30 18.33 -15.64
CA GLY D 248 6.21 19.36 -15.97
C GLY D 248 7.53 18.82 -16.49
N ARG D 249 7.79 17.50 -16.43
CA ARG D 249 9.04 16.97 -16.92
C ARG D 249 10.22 17.70 -16.28
N ARG D 250 10.14 17.91 -14.98
CA ARG D 250 11.21 18.59 -14.28
C ARG D 250 11.23 18.02 -12.84
N GLU D 251 12.37 18.17 -12.16
CA GLU D 251 12.57 17.80 -10.75
C GLU D 251 11.92 18.84 -9.83
N ALA D 252 11.62 18.44 -8.57
CA ALA D 252 11.14 19.35 -7.58
C ALA D 252 12.27 20.30 -7.15
N SER D 253 11.94 21.57 -7.00
CA SER D 253 12.87 22.50 -6.30
C SER D 253 12.95 22.07 -4.83
N ALA D 254 14.04 22.42 -4.16
CA ALA D 254 14.13 22.19 -2.72
C ALA D 254 13.00 22.94 -1.99
N GLU D 255 12.62 24.12 -2.53
CA GLU D 255 11.57 24.93 -1.88
C GLU D 255 10.21 24.22 -1.96
N GLN D 256 9.96 23.55 -3.06
CA GLN D 256 8.65 22.79 -3.17
C GLN D 256 8.61 21.66 -2.13
N ILE D 257 9.77 21.05 -1.88
CA ILE D 257 9.80 19.98 -0.81
C ILE D 257 9.59 20.64 0.56
N ALA D 258 10.30 21.75 0.77
CA ALA D 258 10.21 22.47 2.06
C ALA D 258 8.76 22.94 2.31
N ASP D 259 8.07 23.37 1.26
CA ASP D 259 6.64 23.79 1.43
C ASP D 259 5.77 22.71 2.09
N ALA D 260 5.98 21.43 1.75
CA ALA D 260 5.14 20.39 2.35
C ALA D 260 5.54 20.19 3.82
N VAL D 261 6.85 20.28 4.10
CA VAL D 261 7.30 20.25 5.51
C VAL D 261 6.62 21.37 6.30
N ILE D 262 6.64 22.59 5.75
CA ILE D 262 5.99 23.75 6.42
C ILE D 262 4.52 23.46 6.75
N PHE D 263 3.79 22.91 5.79
CA PHE D 263 2.38 22.57 6.04
C PHE D 263 2.27 21.62 7.21
N LEU D 264 3.09 20.54 7.24
CA LEU D 264 2.95 19.46 8.24
C LEU D 264 3.27 19.96 9.64
N VAL D 265 4.18 20.95 9.75
CA VAL D 265 4.46 21.46 11.13
C VAL D 265 3.46 22.54 11.55
N SER D 266 2.65 23.06 10.61
CA SER D 266 1.78 24.25 10.84
C SER D 266 0.51 23.88 11.61
N GLY D 267 -0.20 24.92 12.08
CA GLY D 267 -1.57 24.77 12.66
C GLY D 267 -2.61 24.21 11.68
N SER D 268 -2.36 24.21 10.37
CA SER D 268 -3.31 23.67 9.41
C SER D 268 -3.21 22.14 9.32
N ALA D 269 -2.32 21.48 10.11
CA ALA D 269 -2.14 20.00 10.06
C ALA D 269 -2.28 19.39 11.45
N GLN D 270 -3.07 20.02 12.36
CA GLN D 270 -3.04 19.58 13.75
CA GLN D 270 -3.18 19.65 13.77
C GLN D 270 -3.79 18.27 13.94
N TYR D 271 -4.56 17.77 12.94
CA TYR D 271 -5.21 16.46 13.08
C TYR D 271 -4.48 15.40 12.23
N ILE D 272 -3.36 15.77 11.61
CA ILE D 272 -2.63 14.90 10.70
C ILE D 272 -1.45 14.24 11.48
N THR D 273 -1.46 12.90 11.63
CA THR D 273 -0.28 12.17 12.18
C THR D 273 -0.22 10.80 11.50
N GLY D 274 1.00 10.38 11.18
CA GLY D 274 1.21 9.07 10.57
C GLY D 274 1.04 9.15 9.07
N SER D 275 1.03 10.36 8.50
CA SER D 275 0.71 10.51 7.05
C SER D 275 2.03 10.78 6.32
N ILE D 276 2.16 10.27 5.10
CA ILE D 276 3.34 10.64 4.31
C ILE D 276 2.82 11.32 3.04
N ILE D 277 3.25 12.53 2.78
CA ILE D 277 2.82 13.28 1.62
C ILE D 277 3.85 13.09 0.50
N LYS D 278 3.44 12.55 -0.64
CA LYS D 278 4.39 12.48 -1.75
C LYS D 278 4.40 13.84 -2.40
N VAL D 279 5.62 14.25 -2.79
CA VAL D 279 5.87 15.48 -3.52
C VAL D 279 6.71 15.04 -4.72
N ASP D 280 6.07 14.39 -5.68
CA ASP D 280 6.83 13.67 -6.70
C ASP D 280 6.39 13.98 -8.17
N GLY D 281 5.47 14.92 -8.34
CA GLY D 281 4.98 15.30 -9.68
C GLY D 281 4.41 14.11 -10.44
N GLY D 282 3.86 13.12 -9.74
CA GLY D 282 3.28 11.93 -10.41
C GLY D 282 4.26 10.82 -10.72
N LEU D 283 5.55 10.98 -10.36
CA LEU D 283 6.63 9.99 -10.85
C LEU D 283 6.26 8.56 -10.43
N SER D 284 5.76 8.40 -9.20
CA SER D 284 5.55 7.08 -8.66
C SER D 284 4.34 6.43 -9.35
N LEU D 285 3.58 7.17 -10.15
CA LEU D 285 2.39 6.60 -10.82
C LEU D 285 2.76 6.01 -12.18
N VAL D 286 3.99 6.25 -12.63
CA VAL D 286 4.33 5.89 -14.05
C VAL D 286 4.81 4.43 -14.14
N HIS D 287 4.23 3.59 -15.03
CA HIS D 287 4.65 2.16 -15.08
C HIS D 287 5.96 2.04 -15.88
N ALA D 288 6.57 0.85 -15.83
CA ALA D 288 7.86 0.62 -16.49
C ALA D 288 7.65 0.89 -17.98
PA NAP E . -9.83 -11.23 -21.59
O1A NAP E . -9.46 -12.33 -22.54
O2A NAP E . -9.50 -9.82 -21.93
O5B NAP E . -11.41 -11.37 -21.11
C5B NAP E . -11.85 -12.62 -20.56
C4B NAP E . -13.31 -12.81 -20.92
O4B NAP E . -14.04 -11.72 -20.37
C3B NAP E . -13.67 -12.65 -22.42
O3B NAP E . -13.30 -13.83 -23.13
C2B NAP E . -15.19 -12.38 -22.41
O2B NAP E . -16.02 -13.56 -22.69
C1B NAP E . -15.34 -11.82 -20.95
N9A NAP E . -16.05 -10.53 -21.04
C8A NAP E . -15.69 -9.35 -21.64
N7A NAP E . -16.75 -8.48 -21.58
C5A NAP E . -17.81 -9.17 -21.02
C6A NAP E . -19.25 -8.90 -20.71
N6A NAP E . -19.79 -7.68 -20.96
N1A NAP E . -20.02 -9.88 -20.18
C2A NAP E . -19.48 -11.08 -19.86
N3A NAP E . -18.19 -11.46 -20.12
C4A NAP E . -17.35 -10.52 -20.68
O3 NAP E . -9.14 -11.65 -20.15
PN NAP E . -7.64 -12.29 -19.99
O1N NAP E . -7.79 -13.82 -20.10
O2N NAP E . -6.66 -11.49 -20.83
O5D NAP E . -7.40 -11.98 -18.37
C5D NAP E . -8.17 -12.71 -17.35
C4D NAP E . -8.30 -11.77 -16.10
O4D NAP E . -7.02 -11.34 -15.69
C3D NAP E . -9.09 -10.47 -16.43
O3D NAP E . -9.88 -10.16 -15.28
C2D NAP E . -8.00 -9.43 -16.64
O2D NAP E . -8.41 -8.07 -16.33
C1D NAP E . -6.92 -9.88 -15.65
N1N NAP E . -5.62 -9.45 -16.19
C2N NAP E . -5.12 -9.97 -17.35
C3N NAP E . -3.85 -9.51 -17.81
C7N NAP E . -3.28 -10.03 -19.09
O7N NAP E . -2.09 -9.78 -19.38
N7N NAP E . -4.11 -10.70 -19.90
C4N NAP E . -3.12 -8.53 -17.13
C5N NAP E . -3.71 -8.01 -15.95
C6N NAP E . -4.95 -8.46 -15.50
P2B NAP E . -16.48 -13.98 -24.21
O1X NAP E . -17.39 -15.19 -23.95
O2X NAP E . -15.18 -14.11 -24.99
O3X NAP E . -17.28 -12.83 -24.79
CAK EWK F . -4.34 -7.33 -20.57
CAL EWK F . -5.61 -7.38 -20.16
SAM EWK F . -6.93 -8.25 -20.79
CAN EWK F . -8.08 -7.65 -19.60
NAO EWK F . -9.40 -7.93 -19.51
NAP EWK F . -7.39 -6.83 -18.79
CAQ EWK F . -6.05 -6.68 -19.06
CAR EWK F . -5.15 -5.90 -18.40
CAS EWK F . -3.78 -5.79 -18.78
CAJ EWK F . -3.38 -6.54 -19.90
SAT EWK F . -1.66 -6.58 -20.51
CAI EWK F . -0.99 -4.87 -20.57
CAH EWK F . -1.48 -4.03 -21.58
CAG EWK F . -1.24 -2.65 -21.49
CAF EWK F . -1.73 -1.75 -22.47
CAE EWK F . -2.23 -4.50 -22.65
CAD EWK F . -2.75 -3.61 -23.60
CAC EWK F . -2.51 -2.22 -23.53
CAA EWK F . -3.02 -1.33 -24.48
OAB EWK F . -2.67 -0.15 -24.48
NAU EWK F . -3.98 -1.79 -25.31
C ACT G . -7.72 -20.50 -25.55
O ACT G . -7.03 -21.15 -24.72
OXT ACT G . -7.59 -19.25 -25.65
CH3 ACT G . -8.72 -21.23 -26.42
PA NAP H . 10.11 -16.87 17.29
O1A NAP H . 9.74 -18.18 17.88
O2A NAP H . 9.92 -15.52 17.89
O5B NAP H . 11.69 -16.86 16.80
C5B NAP H . 12.23 -17.77 15.82
C4B NAP H . 13.69 -18.05 16.14
O4B NAP H . 14.39 -16.86 15.88
C3B NAP H . 14.03 -18.27 17.63
O3B NAP H . 13.77 -19.67 17.93
C2B NAP H . 15.53 -17.92 17.69
O2B NAP H . 16.35 -19.12 17.64
C1B NAP H . 15.69 -17.02 16.41
N9A NAP H . 16.35 -15.80 16.90
C8A NAP H . 15.90 -14.88 17.82
N7A NAP H . 16.91 -14.01 18.11
C5A NAP H . 18.01 -14.44 17.37
C6A NAP H . 19.43 -13.99 17.20
N6A NAP H . 19.83 -12.89 17.91
N1A NAP H . 20.21 -14.70 16.41
C2A NAP H . 19.80 -15.81 15.71
N3A NAP H . 18.52 -16.31 15.78
C4A NAP H . 17.66 -15.64 16.62
O3 NAP H . 9.48 -16.89 15.76
PN NAP H . 8.01 -17.44 15.32
O1N NAP H . 8.24 -18.89 15.03
O2N NAP H . 6.89 -17.01 16.19
O5D NAP H . 7.78 -16.66 13.88
C5D NAP H . 8.62 -17.01 12.77
C4D NAP H . 8.67 -15.79 11.81
O4D NAP H . 7.30 -15.31 11.56
C3D NAP H . 9.44 -14.59 12.42
O3D NAP H . 10.13 -13.80 11.40
C2D NAP H . 8.34 -13.64 12.96
O2D NAP H . 8.73 -12.24 13.04
C1D NAP H . 7.18 -13.90 11.94
N1N NAP H . 5.84 -13.65 12.53
C2N NAP H . 5.39 -14.52 13.44
C3N NAP H . 4.13 -14.28 14.03
C7N NAP H . 3.57 -15.22 15.05
O7N NAP H . 2.43 -14.94 15.39
N7N NAP H . 4.32 -16.18 15.61
C4N NAP H . 3.39 -13.14 13.67
C5N NAP H . 3.89 -12.26 12.70
C6N NAP H . 5.13 -12.54 12.12
P2B NAP H . 16.84 -19.98 18.95
O1X NAP H . 17.61 -21.07 18.31
O2X NAP H . 15.53 -20.45 19.56
O3X NAP H . 17.63 -19.03 19.79
CAK EWK I . 4.51 -12.91 17.27
CAL EWK I . 5.77 -12.80 16.86
SAM EWK I . 7.08 -13.72 17.26
CAN EWK I . 8.15 -12.85 16.29
NAO EWK I . 9.46 -13.12 16.21
NAP EWK I . 7.47 -11.88 15.65
CAQ EWK I . 6.15 -11.83 15.94
CAR EWK I . 5.21 -10.95 15.48
CAS EWK I . 3.87 -11.03 15.86
CAJ EWK I . 3.52 -12.04 16.78
SAT EWK I . 1.71 -12.36 17.45
CAI EWK I . 0.99 -10.75 17.95
CAH EWK I . 1.46 -10.33 19.20
CAG EWK I . 1.52 -8.96 19.46
CAF EWK I . 1.99 -8.47 20.69
CAE EWK I . 1.93 -11.23 20.18
CAD EWK I . 2.41 -10.73 21.40
CAC EWK I . 2.46 -9.35 21.67
CAA EWK I . 2.96 -8.84 22.90
OAB EWK I . 2.66 -7.70 23.29
NAU EWK I . 3.86 -9.62 23.53
C1 GOL J . 22.52 -34.13 15.03
C1 GOL J . 24.06 -31.97 12.56
O1 GOL J . 23.41 -35.22 15.31
O1 GOL J . 24.98 -31.18 11.80
C2 GOL J . 23.33 -33.40 14.02
C2 GOL J . 23.81 -33.42 12.12
O2 GOL J . 24.30 -34.41 13.88
O2 GOL J . 24.03 -33.60 10.73
C3 GOL J . 22.63 -33.36 12.69
C3 GOL J . 24.67 -34.40 12.95
O3 GOL J . 23.05 -34.53 11.98
O3 GOL J . 24.15 -35.74 13.17
PA NAP K . -22.20 13.77 3.80
O1A NAP K . -22.71 14.75 4.79
O2A NAP K . -22.53 12.31 3.98
O5B NAP K . -22.67 14.15 2.30
C5B NAP K . -22.20 15.34 1.67
C4B NAP K . -23.24 15.77 0.66
O4B NAP K . -23.25 14.83 -0.39
C3B NAP K . -24.70 15.66 1.16
O3B NAP K . -25.06 16.76 1.99
C2B NAP K . -25.54 15.60 -0.13
O2B NAP K . -26.00 16.89 -0.58
C1B NAP K . -24.47 15.01 -1.10
N9A NAP K . -25.06 13.79 -1.65
C8A NAP K . -25.40 12.58 -1.10
N7A NAP K . -26.05 11.76 -2.02
C5A NAP K . -26.13 12.50 -3.18
C6A NAP K . -26.69 12.33 -4.55
N6A NAP K . -27.29 11.14 -4.91
N1A NAP K . -26.59 13.38 -5.40
C2A NAP K . -25.97 14.55 -5.08
N3A NAP K . -25.43 14.82 -3.86
C4A NAP K . -25.52 13.84 -2.90
O3 NAP K . -20.59 13.93 3.69
PN NAP K . -19.58 14.45 4.84
O1N NAP K . -19.88 13.60 6.06
O2N NAP K . -19.59 15.96 4.90
O5D NAP K . -18.16 13.96 4.13
C5D NAP K . -17.69 14.65 2.95
C4D NAP K . -16.68 13.74 2.26
O4D NAP K . -15.70 13.14 3.18
C3D NAP K . -17.40 12.54 1.61
O3D NAP K . -16.82 12.30 0.35
C2D NAP K . -17.15 11.33 2.52
O2D NAP K . -17.30 10.00 1.88
C1D NAP K . -15.76 11.69 3.11
N1N NAP K . -15.58 11.14 4.47
C2N NAP K . -16.16 11.73 5.56
C3N NAP K . -15.99 11.20 6.85
C7N NAP K . -16.64 11.81 8.06
O7N NAP K . -16.18 11.58 9.15
N7N NAP K . -17.73 12.61 7.95
C4N NAP K . -15.18 10.06 6.96
C5N NAP K . -14.59 9.48 5.84
C6N NAP K . -14.78 10.05 4.60
P2B NAP K . -27.51 17.46 -0.46
O1X NAP K . -27.40 17.55 1.04
O2X NAP K . -27.56 18.77 -1.18
O3X NAP K . -28.52 16.46 -0.92
C ACT L . -27.46 32.28 -6.67
O ACT L . -26.93 31.33 -7.32
OXT ACT L . -27.64 33.39 -7.27
CH3 ACT L . -27.81 32.10 -5.21
PA NAP M . 21.70 14.90 0.26
O1A NAP M . 22.15 16.26 -0.31
O2A NAP M . 22.00 13.61 -0.46
O5B NAP M . 22.08 14.68 1.81
C5B NAP M . 21.69 15.64 2.80
C4B NAP M . 22.75 15.78 3.90
O4B NAP M . 22.80 14.61 4.70
C3B NAP M . 24.19 15.93 3.41
O3B NAP M . 24.40 17.31 2.99
C2B NAP M . 25.05 15.46 4.60
O2B NAP M . 25.56 16.55 5.39
C1B NAP M . 24.00 14.61 5.41
N9A NAP M . 24.64 13.30 5.65
C8A NAP M . 25.03 12.33 4.74
N7A NAP M . 25.70 11.36 5.42
C5A NAP M . 25.70 11.70 6.75
C6A NAP M . 26.27 11.14 8.01
N6A NAP M . 26.91 9.98 7.89
N1A NAP M . 26.14 11.82 9.17
C2A NAP M . 25.44 12.99 9.21
N3A NAP M . 24.89 13.62 8.10
C4A NAP M . 25.04 13.01 6.89
O3 NAP M . 20.09 14.96 0.49
PN NAP M . 19.02 15.76 -0.43
O1N NAP M . 19.07 17.21 0.06
O2N NAP M . 19.26 15.30 -1.89
O5D NAP M . 17.56 15.13 0.07
C5D NAP M . 17.04 15.47 1.38
C4D NAP M . 16.22 14.29 1.90
O4D NAP M . 15.19 13.95 0.95
C3D NAP M . 17.03 13.00 2.06
O3D NAP M . 16.56 12.31 3.23
C2D NAP M . 16.72 12.16 0.80
O2D NAP M . 16.87 10.70 0.91
C1D NAP M . 15.28 12.57 0.51
N1N NAP M . 15.06 12.42 -0.95
C2N NAP M . 15.67 13.26 -1.82
C3N NAP M . 15.44 13.10 -3.18
C7N NAP M . 16.13 13.99 -4.15
O7N NAP M . 15.79 13.87 -5.33
N7N NAP M . 17.08 14.87 -3.69
C4N NAP M . 14.61 12.04 -3.66
C5N NAP M . 14.01 11.17 -2.74
C6N NAP M . 14.24 11.41 -1.38
P2B NAP M . 27.03 17.32 5.18
O1X NAP M . 27.05 18.26 6.38
O2X NAP M . 26.89 17.88 3.77
O3X NAP M . 28.05 16.20 5.32
CAK EWK N . 18.36 11.59 -4.71
CAL EWK N . 18.68 11.39 -3.43
SAM EWK N . 19.74 12.20 -2.41
CAN EWK N . 19.47 11.24 -1.07
NAO EWK N . 20.09 11.36 0.13
NAP EWK N . 18.54 10.32 -1.42
CAQ EWK N . 18.10 10.37 -2.70
CAR EWK N . 17.18 9.56 -3.29
CAS EWK N . 16.80 9.71 -4.63
CAJ EWK N . 17.41 10.76 -5.34
SAT EWK N . 17.05 11.13 -7.11
CAI EWK N . 16.89 9.52 -7.99
CAH EWK N . 18.12 8.94 -8.32
CAG EWK N . 18.21 7.54 -8.47
CAF EWK N . 19.42 6.89 -8.80
CAE EWK N . 19.26 9.72 -8.50
CAD EWK N . 20.47 9.06 -8.80
CAC EWK N . 20.58 7.67 -8.98
CAA EWK N . 21.81 7.06 -9.25
OAB EWK N . 21.87 6.00 -9.90
NAU EWK N . 22.85 7.66 -8.62
CAV EWK N . 24.29 7.28 -8.59
CAW EWK N . 24.89 7.88 -7.45
CAX EWK N . 24.74 9.27 -7.19
CAY EWK N . 25.33 9.83 -6.05
CAZ EWK N . 26.10 9.05 -5.16
CBA EWK N . 26.26 7.69 -5.40
CBB EWK N . 25.65 7.13 -6.53
#